data_8YJS
#
_entry.id   8YJS
#
_cell.length_a   1.00
_cell.length_b   1.00
_cell.length_c   1.00
_cell.angle_alpha   90.00
_cell.angle_beta   90.00
_cell.angle_gamma   90.00
#
_symmetry.space_group_name_H-M   'P 1'
#
loop_
_entity.id
_entity.type
_entity.pdbx_description
1 polymer 'Proliferating cell nuclear antigen'
2 polymer 'Flap endonuclease 1'
3 polymer 'upstream DNA'
4 polymer 'parent strand DNA'
5 polymer 'downstream DNA'
6 polymer '5 prime flap DNA'
#
loop_
_entity_poly.entity_id
_entity_poly.type
_entity_poly.pdbx_seq_one_letter_code
_entity_poly.pdbx_strand_id
1 'polypeptide(L)'
;MFEARLVQGSILKKVLEALKDLINEACWDISSSGVNLQSMDSSHVSLVQLTLRSEGFDTYRCDRNLAMGVNLTSMSKILK
CAGNEDIITLRAEDNADTLALVFEAPNQEKVSDYEMKLMDLDVEQLGIPEQEYSCVVKMPSGEFARICRDLSHIGDAVVI
SCAKDGVKFSASGELGNGNIKLSQTSNVDKEEEAVTIEMNEPVQLTFALRYLNFFTKATPLSSTVTLSMSADVPLVVEYK
IADMGHLKYYLAPKIEDEEGS
;
C,B,A
2 'polypeptide(L)'
;MGIQGLAKLIADVAPSAIRENDIKSYFGRKVAIDASMSIYQFLIAVRQGGDVLQNEEGETTSHLMGMFYRTIRMMENGIK
PVYVFDGKPPQLKSGELAKRSERRAEAEKQLQQAQAAGAEQEVEKFTKRLVKVTKQHNDECKHLLSLMGIPYLDAPSEAE
ASCAALVKAGKVYAAATEDMDCLTFGSPVLMRHLTASEAKKLPIQEFHLSRILQELGLNQEQFVDLCILLGSDYCESIRG
IGPKRAVDLIQKHKSIEEIVRRLDPNKYPVPENWLHKEAHQLFLEPEVLDPESVELKWSEPNEEELIKFMCGEKQFSEER
IRSGVKRLSKSRQGSTQGRLDDFFKVTGSLSSAKRKEPEPKGSTKKKAKTGAAGKFKRGK
;
D
3 'polydeoxyribonucleotide' (DT)(DT)(DT)(DT)(DT)(DT)(DT)(DT)(DT)(DA)(DA)(DA)(DA)(DA)(DA)(DT)(DA)(DT)(DT) J
4 'polydeoxyribonucleotide'
;(DA)(DT)(DT)(DT)(DT)(DT)(DT)(DT)(DT)(DT)(DA)(DA)(DA)(DT)(DA)(DT)(DT)(DT)(DT)(DT)
(DT)(DA)(DA)(DA)(DA)(DA)(DA)(DA)(DA)
;
E
5 'polydeoxyribonucleotide' (DT)(DA)(DA)(DA)(DA)(DA)(DA)(DA)(DA)(DA)(DT) F
6 'polydeoxyribonucleotide' (DT)(DT)(DT) H
#
loop_
_chem_comp.id
_chem_comp.type
_chem_comp.name
_chem_comp.formula
DA DNA linking 2'-DEOXYADENOSINE-5'-MONOPHOSPHATE 'C10 H14 N5 O6 P'
DT DNA linking THYMIDINE-5'-MONOPHOSPHATE 'C10 H15 N2 O8 P'
#
# COMPACT_ATOMS: atom_id res chain seq x y z
N MET A 1 19.62 -8.48 30.39
CA MET A 1 20.41 -9.69 30.54
C MET A 1 20.82 -10.21 29.17
N PHE A 2 20.24 -9.61 28.13
CA PHE A 2 20.42 -10.06 26.76
C PHE A 2 21.15 -8.98 25.98
N GLU A 3 22.32 -9.33 25.46
CA GLU A 3 23.11 -8.44 24.61
C GLU A 3 23.53 -9.20 23.37
N ALA A 4 23.22 -8.64 22.19
CA ALA A 4 23.53 -9.28 20.92
C ALA A 4 24.18 -8.25 20.01
N ARG A 5 25.50 -8.23 19.99
CA ARG A 5 26.25 -7.36 19.09
C ARG A 5 26.37 -8.03 17.73
N LEU A 6 25.81 -7.40 16.71
CA LEU A 6 25.82 -7.91 15.35
C LEU A 6 26.55 -6.89 14.48
N VAL A 7 27.76 -7.24 14.02
CA VAL A 7 28.54 -6.33 13.18
C VAL A 7 27.92 -6.23 11.80
N GLN A 8 27.58 -7.37 11.19
CA GLN A 8 26.87 -7.37 9.93
C GLN A 8 25.36 -7.33 10.19
N GLY A 9 24.91 -6.14 10.60
CA GLY A 9 23.52 -5.92 10.90
C GLY A 9 22.69 -5.43 9.74
N SER A 10 23.29 -5.36 8.54
CA SER A 10 22.55 -5.06 7.32
C SER A 10 21.55 -6.16 7.03
N ILE A 11 21.93 -7.42 7.26
CA ILE A 11 21.00 -8.52 7.07
C ILE A 11 19.96 -8.59 8.18
N LEU A 12 20.24 -8.02 9.36
CA LEU A 12 19.19 -7.85 10.37
C LEU A 12 18.17 -6.79 9.94
N LYS A 13 18.66 -5.72 9.30
CA LYS A 13 17.77 -4.72 8.69
C LYS A 13 16.93 -5.33 7.58
N LYS A 14 17.53 -6.24 6.80
CA LYS A 14 16.80 -6.93 5.73
C LYS A 14 15.77 -7.90 6.27
N VAL A 15 16.06 -8.56 7.40
CA VAL A 15 15.10 -9.41 8.10
C VAL A 15 13.89 -8.61 8.56
N LEU A 16 14.14 -7.46 9.19
CA LEU A 16 12.98 -6.71 9.67
C LEU A 16 12.30 -5.88 8.60
N GLU A 17 12.93 -5.68 7.44
CA GLU A 17 12.19 -5.16 6.30
C GLU A 17 11.36 -6.24 5.65
N ALA A 18 11.81 -7.50 5.72
CA ALA A 18 11.03 -8.61 5.21
C ALA A 18 9.84 -8.93 6.09
N LEU A 19 9.97 -8.71 7.40
CA LEU A 19 8.94 -9.14 8.34
C LEU A 19 7.77 -8.18 8.43
N LYS A 20 7.98 -6.89 8.17
CA LYS A 20 6.97 -5.87 8.48
C LYS A 20 5.79 -5.88 7.51
N ASP A 21 5.94 -6.44 6.32
CA ASP A 21 4.87 -6.46 5.33
C ASP A 21 3.91 -7.62 5.53
N LEU A 22 4.26 -8.57 6.41
CA LEU A 22 3.51 -9.81 6.54
C LEU A 22 2.86 -9.92 7.91
N ILE A 23 3.64 -9.79 8.98
CA ILE A 23 3.16 -9.75 10.35
C ILE A 23 3.54 -8.42 10.98
N ASN A 24 2.62 -7.91 11.80
CA ASN A 24 2.82 -6.64 12.47
C ASN A 24 3.28 -6.80 13.91
N GLU A 25 2.83 -7.84 14.60
CA GLU A 25 3.17 -8.08 16.00
C GLU A 25 3.72 -9.49 16.15
N ALA A 26 4.85 -9.63 16.84
CA ALA A 26 5.48 -10.92 17.02
C ALA A 26 6.26 -10.94 18.33
N CYS A 27 6.64 -12.13 18.75
CA CYS A 27 7.48 -12.33 19.93
C CYS A 27 8.77 -13.02 19.53
N TRP A 28 9.90 -12.44 19.90
CA TRP A 28 11.18 -13.08 19.68
C TRP A 28 11.39 -14.14 20.74
N ASP A 29 11.62 -15.39 20.32
CA ASP A 29 11.94 -16.47 21.25
C ASP A 29 13.45 -16.48 21.51
N ILE A 30 13.89 -15.50 22.28
CA ILE A 30 15.31 -15.29 22.53
C ILE A 30 15.77 -16.28 23.59
N SER A 31 16.75 -17.12 23.23
CA SER A 31 17.35 -18.07 24.15
C SER A 31 18.86 -17.88 24.12
N SER A 32 19.56 -18.67 24.93
CA SER A 32 21.02 -18.61 24.94
C SER A 32 21.63 -19.28 23.71
N SER A 33 20.90 -20.22 23.11
CA SER A 33 21.36 -20.87 21.90
C SER A 33 21.21 -19.99 20.67
N GLY A 34 20.33 -19.01 20.71
CA GLY A 34 20.15 -18.12 19.59
C GLY A 34 18.85 -17.35 19.72
N VAL A 35 18.56 -16.59 18.67
CA VAL A 35 17.37 -15.75 18.59
C VAL A 35 16.43 -16.37 17.57
N ASN A 36 15.19 -16.64 18.00
CA ASN A 36 14.21 -17.27 17.13
C ASN A 36 12.93 -16.44 17.12
N LEU A 37 12.16 -16.61 16.05
CA LEU A 37 10.85 -15.96 15.93
C LEU A 37 10.00 -16.90 15.10
N GLN A 38 9.09 -17.62 15.74
CA GLN A 38 8.12 -18.46 15.05
C GLN A 38 6.75 -17.80 15.26
N SER A 39 6.40 -16.91 14.33
CA SER A 39 5.15 -16.19 14.42
C SER A 39 4.37 -16.36 13.13
N MET A 40 3.04 -16.30 13.26
CA MET A 40 2.12 -16.73 12.23
C MET A 40 1.35 -15.50 11.76
N ASP A 41 0.85 -15.56 10.54
CA ASP A 41 0.10 -14.45 9.96
C ASP A 41 -1.23 -14.25 10.67
N SER A 42 -1.73 -13.00 10.61
CA SER A 42 -3.02 -12.65 11.20
C SER A 42 -4.19 -13.27 10.43
N SER A 43 -4.00 -13.59 9.16
CA SER A 43 -4.99 -14.35 8.39
C SER A 43 -4.82 -15.85 8.57
N HIS A 44 -3.82 -16.28 9.35
CA HIS A 44 -3.54 -17.67 9.75
C HIS A 44 -3.29 -18.57 8.54
N VAL A 45 -2.61 -18.01 7.54
CA VAL A 45 -2.23 -18.75 6.34
C VAL A 45 -0.73 -19.09 6.35
N SER A 46 0.10 -18.15 6.75
CA SER A 46 1.54 -18.25 6.57
C SER A 46 2.28 -18.11 7.89
N LEU A 47 3.34 -18.91 8.05
CA LEU A 47 4.21 -18.88 9.21
C LEU A 47 5.57 -18.37 8.81
N VAL A 48 6.20 -17.61 9.68
CA VAL A 48 7.59 -17.21 9.53
C VAL A 48 8.39 -17.92 10.61
N GLN A 49 9.29 -18.80 10.21
CA GLN A 49 10.21 -19.45 11.13
C GLN A 49 11.56 -18.77 10.96
N LEU A 50 11.99 -18.07 12.00
CA LEU A 50 13.24 -17.33 11.99
C LEU A 50 14.22 -18.02 12.93
N THR A 51 15.49 -18.00 12.56
CA THR A 51 16.53 -18.49 13.45
C THR A 51 17.78 -17.66 13.22
N LEU A 52 18.16 -16.87 14.23
CA LEU A 52 19.47 -16.25 14.30
C LEU A 52 20.21 -16.94 15.43
N ARG A 53 21.15 -17.81 15.09
CA ARG A 53 21.90 -18.54 16.09
C ARG A 53 22.91 -17.63 16.77
N SER A 54 23.44 -18.09 17.90
CA SER A 54 24.38 -17.31 18.69
C SER A 54 25.78 -17.28 18.08
N GLU A 55 26.06 -18.12 17.08
CA GLU A 55 27.37 -18.08 16.44
C GLU A 55 27.52 -16.88 15.52
N GLY A 56 26.42 -16.38 14.97
CA GLY A 56 26.51 -15.25 14.06
C GLY A 56 26.65 -13.93 14.78
N PHE A 57 26.11 -13.82 15.98
CA PHE A 57 26.34 -12.64 16.80
C PHE A 57 27.75 -12.66 17.37
N ASP A 58 28.47 -11.54 17.20
CA ASP A 58 29.87 -11.52 17.60
C ASP A 58 30.05 -11.35 19.10
N THR A 59 29.04 -10.83 19.80
CA THR A 59 29.05 -10.80 21.27
C THR A 59 27.64 -11.11 21.74
N TYR A 60 27.39 -12.38 22.06
CA TYR A 60 26.10 -12.85 22.54
C TYR A 60 26.29 -13.40 23.94
N ARG A 61 25.58 -12.83 24.91
CA ARG A 61 25.78 -13.24 26.30
C ARG A 61 24.45 -13.39 27.04
N CYS A 62 23.37 -13.72 26.33
CA CYS A 62 22.04 -13.80 26.90
C CYS A 62 21.91 -14.98 27.86
N ASP A 63 21.42 -14.69 29.07
CA ASP A 63 21.46 -15.66 30.16
C ASP A 63 20.30 -16.63 30.09
N ARG A 64 19.07 -16.13 30.22
CA ARG A 64 17.89 -16.97 30.28
C ARG A 64 16.95 -16.66 29.12
N ASN A 65 15.92 -17.48 29.01
CA ASN A 65 14.97 -17.35 27.91
C ASN A 65 14.08 -16.13 28.10
N LEU A 66 13.97 -15.33 27.05
CA LEU A 66 13.24 -14.07 27.10
C LEU A 66 12.32 -13.99 25.88
N ALA A 67 11.06 -13.67 26.11
CA ALA A 67 10.08 -13.51 25.05
C ALA A 67 9.65 -12.05 25.03
N MET A 68 9.81 -11.39 23.89
CA MET A 68 9.66 -9.95 23.79
C MET A 68 8.60 -9.62 22.74
N GLY A 69 7.42 -9.23 23.18
CA GLY A 69 6.37 -8.84 22.27
C GLY A 69 6.63 -7.48 21.67
N VAL A 70 6.68 -7.41 20.34
CA VAL A 70 7.18 -6.23 19.65
C VAL A 70 6.31 -5.94 18.43
N ASN A 71 6.04 -4.66 18.19
CA ASN A 71 5.43 -4.21 16.95
C ASN A 71 6.52 -4.18 15.89
N LEU A 72 6.43 -5.06 14.89
CA LEU A 72 7.53 -5.18 13.94
C LEU A 72 7.56 -4.08 12.90
N THR A 73 6.46 -3.39 12.65
CA THR A 73 6.56 -2.20 11.82
C THR A 73 7.23 -1.06 12.61
N SER A 74 7.02 -1.03 13.92
CA SER A 74 7.75 -0.10 14.78
C SER A 74 9.21 -0.49 14.90
N MET A 75 9.49 -1.80 15.01
CA MET A 75 10.86 -2.29 15.07
C MET A 75 11.60 -2.06 13.76
N SER A 76 10.89 -2.19 12.63
CA SER A 76 11.48 -1.86 11.34
C SER A 76 11.67 -0.37 11.14
N LYS A 77 10.80 0.46 11.75
CA LYS A 77 11.04 1.89 11.69
C LYS A 77 12.19 2.32 12.58
N ILE A 78 12.45 1.58 13.66
CA ILE A 78 13.67 1.78 14.44
C ILE A 78 14.89 1.36 13.63
N LEU A 79 14.83 0.17 13.00
CA LEU A 79 15.97 -0.32 12.23
C LEU A 79 16.14 0.36 10.88
N LYS A 80 15.21 1.21 10.46
CA LYS A 80 15.46 2.07 9.31
C LYS A 80 16.27 3.30 9.69
N CYS A 81 16.55 3.50 10.98
CA CYS A 81 17.45 4.55 11.45
C CYS A 81 18.89 4.09 11.57
N ALA A 82 19.29 3.08 10.78
CA ALA A 82 20.68 2.69 10.66
C ALA A 82 21.00 2.48 9.19
N GLY A 83 22.25 2.71 8.83
CA GLY A 83 22.71 2.48 7.47
C GLY A 83 23.12 1.04 7.26
N ASN A 84 23.83 0.82 6.16
CA ASN A 84 24.20 -0.52 5.75
C ASN A 84 25.54 -0.97 6.31
N GLU A 85 26.17 -0.19 7.19
CA GLU A 85 27.45 -0.57 7.76
C GLU A 85 27.45 -0.60 9.29
N ASP A 86 26.37 -0.16 9.94
CA ASP A 86 26.39 0.02 11.38
C ASP A 86 26.29 -1.30 12.13
N ILE A 87 26.88 -1.31 13.31
CA ILE A 87 26.86 -2.45 14.22
C ILE A 87 25.60 -2.31 15.07
N ILE A 88 24.53 -2.97 14.67
CA ILE A 88 23.30 -2.98 15.46
C ILE A 88 23.49 -3.90 16.64
N THR A 89 23.39 -3.34 17.84
CA THR A 89 23.55 -4.09 19.09
C THR A 89 22.19 -4.17 19.78
N LEU A 90 21.65 -5.37 19.85
CA LEU A 90 20.44 -5.62 20.62
C LEU A 90 20.80 -5.62 22.10
N ARG A 91 20.03 -4.91 22.91
CA ARG A 91 20.25 -4.87 24.35
C ARG A 91 18.91 -4.87 25.06
N ALA A 92 18.76 -5.73 26.08
CA ALA A 92 17.55 -5.80 26.87
C ALA A 92 17.90 -5.65 28.34
N GLU A 93 17.08 -4.90 29.07
CA GLU A 93 17.35 -4.61 30.47
C GLU A 93 16.63 -5.61 31.36
N ASP A 94 16.73 -5.39 32.68
CA ASP A 94 16.04 -6.24 33.63
C ASP A 94 14.55 -5.94 33.66
N ASN A 95 13.74 -7.00 33.54
CA ASN A 95 12.29 -6.98 33.33
C ASN A 95 11.94 -6.09 32.14
N ALA A 96 12.38 -6.56 30.97
CA ALA A 96 12.61 -5.73 29.78
C ALA A 96 11.30 -5.27 29.18
N ASP A 97 10.93 -4.02 29.48
CA ASP A 97 9.84 -3.33 28.80
C ASP A 97 10.33 -2.48 27.64
N THR A 98 11.64 -2.34 27.47
CA THR A 98 12.23 -1.61 26.36
C THR A 98 13.35 -2.44 25.74
N LEU A 99 13.46 -2.35 24.42
CA LEU A 99 14.53 -3.00 23.68
C LEU A 99 15.53 -1.93 23.26
N ALA A 100 16.69 -1.91 23.91
CA ALA A 100 17.72 -0.93 23.59
C ALA A 100 18.46 -1.39 22.34
N LEU A 101 18.41 -0.57 21.29
CA LEU A 101 19.07 -0.88 20.03
C LEU A 101 20.15 0.17 19.78
N VAL A 102 21.40 -0.23 19.94
CA VAL A 102 22.54 0.66 19.76
C VAL A 102 23.07 0.48 18.35
N PHE A 103 23.02 1.55 17.56
CA PHE A 103 23.47 1.50 16.17
C PHE A 103 24.83 2.18 16.10
N GLU A 104 25.86 1.44 16.46
CA GLU A 104 27.22 1.97 16.47
C GLU A 104 27.75 1.96 15.03
N ALA A 105 28.10 3.14 14.53
CA ALA A 105 28.73 3.24 13.23
C ALA A 105 30.16 2.68 13.30
N PRO A 106 30.65 2.02 12.24
CA PRO A 106 31.96 1.34 12.34
C PRO A 106 33.16 2.28 12.34
N ASN A 107 33.00 3.56 12.03
CA ASN A 107 34.09 4.51 12.14
C ASN A 107 34.17 5.17 13.51
N GLN A 108 33.30 4.75 14.45
CA GLN A 108 33.28 5.15 15.87
C GLN A 108 33.08 6.67 16.03
N GLU A 109 32.20 7.24 15.21
CA GLU A 109 31.85 8.65 15.33
C GLU A 109 30.38 8.87 15.61
N LYS A 110 29.52 7.88 15.37
CA LYS A 110 28.08 8.03 15.54
C LYS A 110 27.54 6.82 16.27
N VAL A 111 27.03 7.02 17.48
CA VAL A 111 26.48 5.94 18.29
C VAL A 111 25.01 6.29 18.52
N SER A 112 24.12 5.45 18.01
CA SER A 112 22.68 5.76 18.00
C SER A 112 21.96 4.76 18.90
N ASP A 113 21.70 5.17 20.14
CA ASP A 113 20.94 4.34 21.07
C ASP A 113 19.45 4.53 20.81
N TYR A 114 18.74 3.43 20.56
CA TYR A 114 17.29 3.45 20.37
C TYR A 114 16.67 2.43 21.32
N GLU A 115 16.25 2.90 22.50
CA GLU A 115 15.43 2.07 23.38
C GLU A 115 13.97 2.26 22.98
N MET A 116 13.39 1.18 22.47
CA MET A 116 12.09 1.23 21.84
C MET A 116 11.08 0.37 22.62
N LYS A 117 9.82 0.80 22.58
CA LYS A 117 8.79 0.29 23.47
C LYS A 117 8.30 -1.09 23.02
N LEU A 118 7.68 -1.81 23.94
CA LEU A 118 7.25 -3.17 23.67
C LEU A 118 5.74 -3.29 23.84
N MET A 119 5.23 -4.52 23.77
CA MET A 119 3.82 -4.77 24.05
C MET A 119 3.67 -6.17 24.60
N ASP A 120 2.53 -6.42 25.23
CA ASP A 120 2.22 -7.73 25.77
C ASP A 120 1.46 -8.53 24.71
N LEU A 121 2.04 -9.64 24.30
CA LEU A 121 1.44 -10.50 23.29
C LEU A 121 1.43 -11.95 23.77
N ASP A 122 0.37 -12.67 23.41
CA ASP A 122 0.25 -14.09 23.67
C ASP A 122 0.09 -14.77 22.32
N VAL A 123 1.21 -15.06 21.67
CA VAL A 123 1.21 -15.66 20.35
C VAL A 123 1.49 -17.15 20.52
N GLU A 124 0.91 -17.96 19.66
CA GLU A 124 1.09 -19.40 19.67
C GLU A 124 2.33 -19.79 18.87
N GLN A 125 2.94 -20.89 19.26
CA GLN A 125 4.12 -21.44 18.60
C GLN A 125 3.75 -22.81 18.05
N LEU A 126 3.68 -22.93 16.74
CA LEU A 126 3.26 -24.18 16.13
C LEU A 126 4.37 -25.21 16.16
N GLY A 127 3.99 -26.47 15.99
CA GLY A 127 4.95 -27.56 15.98
C GLY A 127 5.25 -28.03 14.58
N ILE A 128 6.49 -27.82 14.15
CA ILE A 128 6.92 -28.17 12.80
C ILE A 128 7.62 -29.52 12.85
N PRO A 129 7.11 -30.55 12.19
CA PRO A 129 7.84 -31.82 12.11
C PRO A 129 9.01 -31.71 11.13
N GLU A 130 10.14 -32.30 11.53
CA GLU A 130 11.34 -32.29 10.68
C GLU A 130 11.24 -33.50 9.76
N GLN A 131 10.60 -33.31 8.62
CA GLN A 131 10.39 -34.38 7.65
C GLN A 131 10.81 -33.92 6.27
N GLU A 132 11.28 -34.87 5.48
CA GLU A 132 11.82 -34.57 4.15
C GLU A 132 10.72 -34.23 3.17
N TYR A 133 11.05 -33.35 2.23
CA TYR A 133 10.08 -32.82 1.28
C TYR A 133 10.27 -33.46 -0.08
N SER A 134 9.18 -33.47 -0.86
CA SER A 134 9.17 -34.18 -2.13
C SER A 134 9.94 -33.43 -3.21
N CYS A 135 9.77 -32.11 -3.30
CA CYS A 135 10.39 -31.31 -4.35
C CYS A 135 11.14 -30.17 -3.70
N VAL A 136 12.46 -30.32 -3.56
CA VAL A 136 13.31 -29.33 -2.93
C VAL A 136 13.97 -28.53 -4.06
N VAL A 137 13.49 -27.32 -4.31
CA VAL A 137 13.94 -26.50 -5.43
C VAL A 137 14.77 -25.37 -4.88
N LYS A 138 16.00 -25.23 -5.39
CA LYS A 138 16.95 -24.23 -4.90
C LYS A 138 17.27 -23.23 -6.02
N MET A 139 16.44 -22.22 -6.16
CA MET A 139 16.58 -21.21 -7.21
C MET A 139 17.23 -19.95 -6.66
N PRO A 140 17.67 -19.02 -7.52
CA PRO A 140 18.02 -17.68 -7.04
C PRO A 140 16.83 -16.95 -6.44
N SER A 141 17.12 -16.10 -5.45
CA SER A 141 16.05 -15.36 -4.77
C SER A 141 15.54 -14.21 -5.61
N GLY A 142 16.43 -13.55 -6.35
CA GLY A 142 16.01 -12.48 -7.24
C GLY A 142 15.15 -12.96 -8.38
N GLU A 143 15.43 -14.18 -8.88
CA GLU A 143 14.62 -14.75 -9.93
C GLU A 143 13.26 -15.19 -9.40
N PHE A 144 13.21 -15.68 -8.15
CA PHE A 144 11.93 -16.05 -7.53
C PHE A 144 11.07 -14.83 -7.23
N ALA A 145 11.71 -13.73 -6.79
CA ALA A 145 11.02 -12.47 -6.57
C ALA A 145 10.50 -11.91 -7.89
N ARG A 146 11.29 -12.08 -8.96
CA ARG A 146 10.88 -11.70 -10.30
C ARG A 146 9.68 -12.51 -10.75
N ILE A 147 9.69 -13.82 -10.48
CA ILE A 147 8.60 -14.74 -10.90
C ILE A 147 7.30 -14.40 -10.19
N CYS A 148 7.38 -14.17 -8.87
CA CYS A 148 6.19 -13.80 -8.11
C CYS A 148 5.68 -12.41 -8.47
N ARG A 149 6.59 -11.48 -8.78
CA ARG A 149 6.17 -10.13 -9.17
C ARG A 149 5.54 -10.10 -10.56
N ASP A 150 6.00 -10.95 -11.49
CA ASP A 150 5.32 -11.05 -12.78
C ASP A 150 4.00 -11.78 -12.68
N LEU A 151 3.93 -12.87 -11.91
CA LEU A 151 2.69 -13.62 -11.88
C LEU A 151 1.62 -12.99 -10.99
N SER A 152 1.98 -12.01 -10.15
CA SER A 152 0.98 -11.29 -9.40
C SER A 152 0.17 -10.33 -10.27
N HIS A 153 0.67 -9.98 -11.47
CA HIS A 153 -0.08 -9.12 -12.37
C HIS A 153 -1.27 -9.84 -12.99
N ILE A 154 -1.13 -11.14 -13.26
CA ILE A 154 -2.20 -11.87 -13.94
C ILE A 154 -3.29 -12.27 -12.96
N GLY A 155 -2.95 -13.10 -11.98
CA GLY A 155 -3.92 -13.63 -11.05
C GLY A 155 -3.35 -13.69 -9.65
N ASP A 156 -4.19 -14.08 -8.71
CA ASP A 156 -3.81 -14.13 -7.30
C ASP A 156 -3.28 -15.48 -6.85
N ALA A 157 -3.13 -16.44 -7.76
CA ALA A 157 -2.74 -17.78 -7.35
C ALA A 157 -1.89 -18.44 -8.42
N VAL A 158 -0.61 -18.70 -8.09
CA VAL A 158 0.18 -19.61 -8.89
C VAL A 158 -0.29 -21.04 -8.66
N VAL A 159 -0.12 -21.88 -9.69
CA VAL A 159 -0.36 -23.31 -9.61
C VAL A 159 0.98 -23.96 -9.93
N ILE A 160 1.78 -24.22 -8.92
CA ILE A 160 3.16 -24.61 -9.11
C ILE A 160 3.24 -26.12 -9.32
N SER A 161 3.84 -26.55 -10.42
CA SER A 161 4.01 -27.96 -10.71
C SER A 161 5.50 -28.28 -10.85
N CYS A 162 5.96 -29.26 -10.07
CA CYS A 162 7.25 -29.87 -10.30
C CYS A 162 7.11 -30.98 -11.33
N ALA A 163 8.15 -31.16 -12.14
CA ALA A 163 8.11 -32.15 -13.20
C ALA A 163 9.53 -32.68 -13.42
N LYS A 164 9.70 -33.48 -14.48
CA LYS A 164 11.00 -34.08 -14.75
C LYS A 164 11.97 -33.05 -15.33
N ASP A 165 11.48 -32.15 -16.19
CA ASP A 165 12.36 -31.13 -16.76
C ASP A 165 12.65 -30.03 -15.74
N GLY A 166 11.67 -29.69 -14.92
CA GLY A 166 11.88 -28.68 -13.90
C GLY A 166 10.56 -28.13 -13.39
N VAL A 167 10.69 -27.16 -12.49
CA VAL A 167 9.53 -26.57 -11.82
C VAL A 167 8.84 -25.60 -12.77
N LYS A 168 7.51 -25.60 -12.74
CA LYS A 168 6.70 -24.77 -13.63
C LYS A 168 5.78 -23.91 -12.77
N PHE A 169 5.85 -22.59 -12.95
CA PHE A 169 5.07 -21.64 -12.17
C PHE A 169 3.87 -21.18 -12.99
N SER A 170 2.89 -22.06 -13.11
CA SER A 170 1.70 -21.73 -13.88
C SER A 170 0.78 -20.84 -13.07
N ALA A 171 0.22 -19.82 -13.72
CA ALA A 171 -0.75 -18.95 -13.07
C ALA A 171 -1.70 -18.39 -14.12
N SER A 172 -2.93 -18.13 -13.70
CA SER A 172 -3.96 -17.65 -14.60
C SER A 172 -4.81 -16.60 -13.91
N GLY A 173 -5.56 -15.84 -14.71
CA GLY A 173 -6.40 -14.79 -14.19
C GLY A 173 -7.21 -14.11 -15.26
N GLU A 174 -7.66 -12.88 -14.98
CA GLU A 174 -8.47 -12.13 -15.94
C GLU A 174 -7.64 -11.54 -17.08
N LEU A 175 -6.32 -11.51 -16.95
CA LEU A 175 -5.45 -11.13 -18.06
C LEU A 175 -5.05 -12.31 -18.93
N GLY A 176 -5.50 -13.51 -18.61
CA GLY A 176 -5.17 -14.66 -19.43
C GLY A 176 -4.50 -15.77 -18.67
N ASN A 177 -3.24 -16.04 -19.00
CA ASN A 177 -2.51 -17.16 -18.43
C ASN A 177 -1.03 -16.83 -18.43
N GLY A 178 -0.30 -17.47 -17.54
CA GLY A 178 1.14 -17.35 -17.52
C GLY A 178 1.82 -18.58 -16.97
N ASN A 179 2.75 -19.14 -17.73
CA ASN A 179 3.54 -20.29 -17.30
C ASN A 179 5.01 -19.89 -17.33
N ILE A 180 5.72 -20.12 -16.23
CA ILE A 180 7.15 -19.85 -16.15
C ILE A 180 7.85 -21.17 -15.82
N LYS A 181 8.67 -21.65 -16.74
CA LYS A 181 9.38 -22.90 -16.57
C LYS A 181 10.84 -22.66 -16.20
N LEU A 182 11.38 -23.53 -15.36
CA LEU A 182 12.73 -23.39 -14.83
C LEU A 182 13.41 -24.75 -14.93
N SER A 183 14.27 -24.93 -15.93
CA SER A 183 15.00 -26.18 -16.06
C SER A 183 16.10 -26.26 -15.02
N GLN A 184 16.38 -27.49 -14.57
CA GLN A 184 17.48 -27.70 -13.63
C GLN A 184 18.80 -27.54 -14.35
N THR A 185 19.63 -26.60 -13.88
CA THR A 185 20.89 -26.29 -14.52
C THR A 185 22.05 -26.63 -13.59
N SER A 186 23.17 -27.03 -14.19
CA SER A 186 24.40 -27.29 -13.46
C SER A 186 25.65 -26.81 -14.19
N ASN A 187 25.53 -26.26 -15.39
CA ASN A 187 26.67 -25.88 -16.21
C ASN A 187 27.10 -24.44 -16.02
N VAL A 188 26.40 -23.68 -15.18
CA VAL A 188 26.79 -22.29 -14.93
C VAL A 188 27.96 -22.24 -13.96
N ASP A 189 28.75 -21.17 -14.06
CA ASP A 189 29.94 -21.03 -13.22
C ASP A 189 29.62 -20.54 -11.81
N LYS A 190 28.41 -20.03 -11.59
CA LYS A 190 28.00 -19.52 -10.28
C LYS A 190 27.09 -20.53 -9.59
N GLU A 191 27.37 -20.80 -8.33
CA GLU A 191 26.55 -21.73 -7.55
C GLU A 191 25.25 -21.10 -7.06
N GLU A 192 25.13 -19.77 -7.13
CA GLU A 192 23.87 -19.12 -6.76
C GLU A 192 22.82 -19.26 -7.84
N GLU A 193 23.23 -19.33 -9.10
CA GLU A 193 22.31 -19.39 -10.23
C GLU A 193 21.79 -20.81 -10.49
N ALA A 194 22.49 -21.83 -9.96
CA ALA A 194 22.21 -23.23 -10.28
C ALA A 194 20.93 -23.68 -9.61
N VAL A 195 19.86 -23.80 -10.40
CA VAL A 195 18.55 -24.23 -9.91
C VAL A 195 18.63 -25.74 -9.68
N THR A 196 18.78 -26.14 -8.42
CA THR A 196 18.91 -27.54 -8.04
C THR A 196 17.55 -28.04 -7.56
N ILE A 197 17.05 -29.09 -8.20
CA ILE A 197 15.77 -29.68 -7.85
C ILE A 197 16.01 -31.10 -7.37
N GLU A 198 15.58 -31.40 -6.14
CA GLU A 198 15.68 -32.74 -5.56
C GLU A 198 14.33 -33.41 -5.75
N MET A 199 14.21 -34.19 -6.81
CA MET A 199 12.94 -34.76 -7.21
C MET A 199 12.66 -36.07 -6.47
N ASN A 200 11.44 -36.19 -5.97
CA ASN A 200 10.94 -37.48 -5.47
C ASN A 200 9.70 -37.92 -6.23
N GLU A 201 8.73 -37.04 -6.42
CA GLU A 201 7.57 -37.29 -7.27
C GLU A 201 7.15 -35.95 -7.87
N PRO A 202 6.56 -35.94 -9.07
CA PRO A 202 6.05 -34.68 -9.61
C PRO A 202 4.75 -34.29 -8.90
N VAL A 203 4.74 -33.10 -8.31
CA VAL A 203 3.65 -32.67 -7.45
C VAL A 203 3.18 -31.30 -7.92
N GLN A 204 1.86 -31.11 -7.96
CA GLN A 204 1.25 -29.86 -8.43
C GLN A 204 0.42 -29.27 -7.29
N LEU A 205 0.77 -28.05 -6.89
CA LEU A 205 0.08 -27.37 -5.80
C LEU A 205 -0.26 -25.95 -6.21
N THR A 206 -1.26 -25.38 -5.52
CA THR A 206 -1.73 -24.03 -5.78
C THR A 206 -1.50 -23.18 -4.54
N PHE A 207 -0.76 -22.09 -4.68
CA PHE A 207 -0.47 -21.19 -3.58
C PHE A 207 -0.92 -19.77 -3.91
N ALA A 208 -1.31 -19.04 -2.87
CA ALA A 208 -1.69 -17.65 -3.04
C ALA A 208 -0.47 -16.79 -3.28
N LEU A 209 -0.69 -15.63 -3.89
CA LEU A 209 0.39 -14.80 -4.38
C LEU A 209 0.64 -13.52 -3.60
N ARG A 210 -0.35 -13.04 -2.84
CA ARG A 210 -0.10 -11.95 -1.92
C ARG A 210 0.89 -12.37 -0.83
N TYR A 211 0.75 -13.60 -0.35
CA TYR A 211 1.69 -14.12 0.63
C TYR A 211 3.04 -14.42 0.00
N LEU A 212 3.07 -14.83 -1.27
CA LEU A 212 4.35 -15.08 -1.93
C LEU A 212 5.10 -13.77 -2.22
N ASN A 213 4.36 -12.72 -2.57
CA ASN A 213 4.97 -11.39 -2.70
C ASN A 213 5.40 -10.83 -1.35
N PHE A 214 4.72 -11.22 -0.27
CA PHE A 214 5.21 -10.89 1.06
C PHE A 214 6.47 -11.69 1.41
N PHE A 215 6.59 -12.91 0.87
CA PHE A 215 7.75 -13.75 1.16
C PHE A 215 8.98 -13.22 0.45
N THR A 216 8.80 -12.66 -0.74
CA THR A 216 9.95 -12.24 -1.55
C THR A 216 10.48 -10.86 -1.18
N LYS A 217 10.17 -10.33 0.01
CA LYS A 217 10.89 -9.20 0.57
C LYS A 217 12.16 -9.62 1.29
N ALA A 218 12.39 -10.92 1.46
CA ALA A 218 13.58 -11.43 2.11
C ALA A 218 14.72 -11.69 1.14
N THR A 219 14.50 -11.40 -0.14
CA THR A 219 15.52 -11.57 -1.18
C THR A 219 16.82 -10.76 -1.04
N PRO A 220 16.90 -9.58 -0.30
CA PRO A 220 18.24 -9.04 -0.06
C PRO A 220 19.12 -9.81 0.94
N LEU A 221 18.60 -10.85 1.59
CA LEU A 221 19.41 -11.63 2.53
C LEU A 221 20.46 -12.46 1.79
N SER A 222 20.01 -13.39 0.97
CA SER A 222 20.91 -14.15 0.11
C SER A 222 20.14 -14.55 -1.14
N SER A 223 20.87 -14.88 -2.19
CA SER A 223 20.28 -15.30 -3.45
C SER A 223 20.04 -16.80 -3.50
N THR A 224 19.31 -17.32 -2.53
CA THR A 224 19.04 -18.76 -2.43
C THR A 224 17.68 -18.94 -1.78
N VAL A 225 16.69 -19.34 -2.57
CA VAL A 225 15.37 -19.72 -2.06
C VAL A 225 15.28 -21.23 -2.16
N THR A 226 15.07 -21.89 -1.03
CA THR A 226 14.93 -23.34 -1.00
C THR A 226 13.44 -23.67 -0.90
N LEU A 227 12.78 -23.69 -2.05
CA LEU A 227 11.37 -24.08 -2.12
C LEU A 227 11.22 -25.57 -1.85
N SER A 228 10.50 -25.92 -0.79
CA SER A 228 10.33 -27.32 -0.40
C SER A 228 8.85 -27.66 -0.39
N MET A 229 8.50 -28.77 -1.03
CA MET A 229 7.10 -29.07 -1.34
C MET A 229 6.80 -30.52 -1.00
N SER A 230 5.51 -30.80 -0.79
CA SER A 230 5.01 -32.16 -0.74
C SER A 230 3.58 -32.13 -1.28
N ALA A 231 2.82 -33.20 -1.04
CA ALA A 231 1.50 -33.35 -1.64
C ALA A 231 0.49 -32.39 -1.03
N ASP A 232 0.46 -32.30 0.30
CA ASP A 232 -0.38 -31.32 0.96
C ASP A 232 0.30 -30.65 2.15
N VAL A 233 1.57 -30.94 2.40
CA VAL A 233 2.36 -30.20 3.38
C VAL A 233 2.59 -28.79 2.84
N PRO A 234 2.60 -27.75 3.69
CA PRO A 234 2.83 -26.38 3.22
C PRO A 234 4.22 -26.16 2.61
N LEU A 235 4.27 -25.22 1.67
CA LEU A 235 5.51 -24.83 1.02
C LEU A 235 6.44 -24.11 1.99
N VAL A 236 7.68 -24.56 2.04
CA VAL A 236 8.71 -23.89 2.81
C VAL A 236 9.49 -22.98 1.89
N VAL A 237 9.46 -21.69 2.17
CA VAL A 237 10.22 -20.75 1.36
C VAL A 237 11.38 -20.32 2.25
N GLU A 238 12.55 -20.95 2.08
CA GLU A 238 13.63 -20.85 3.05
C GLU A 238 14.71 -19.89 2.53
N TYR A 239 15.05 -18.90 3.34
CA TYR A 239 16.10 -17.95 3.01
C TYR A 239 17.26 -18.14 3.98
N LYS A 240 18.42 -18.48 3.44
CA LYS A 240 19.64 -18.56 4.25
C LYS A 240 20.10 -17.17 4.63
N ILE A 241 19.82 -16.76 5.86
CA ILE A 241 20.48 -15.60 6.44
C ILE A 241 21.95 -15.95 6.66
N ALA A 242 22.83 -15.00 6.34
CA ALA A 242 24.27 -15.23 6.19
C ALA A 242 24.91 -15.54 7.55
N ASP A 243 25.20 -16.83 7.76
CA ASP A 243 25.90 -17.39 8.93
C ASP A 243 25.16 -17.15 10.25
N MET A 244 23.83 -17.05 10.21
CA MET A 244 23.07 -17.27 11.45
C MET A 244 22.07 -18.39 11.30
N GLY A 245 21.35 -18.43 10.21
CA GLY A 245 20.33 -19.45 10.07
C GLY A 245 19.35 -19.08 8.97
N HIS A 246 18.07 -19.34 9.24
CA HIS A 246 17.07 -19.38 8.18
C HIS A 246 15.91 -18.44 8.48
N LEU A 247 15.19 -18.13 7.41
CA LEU A 247 13.95 -17.35 7.44
C LEU A 247 12.85 -18.16 6.73
N LYS A 248 12.64 -19.38 7.22
CA LYS A 248 11.72 -20.34 6.63
C LYS A 248 10.28 -19.85 6.64
N TYR A 249 9.80 -19.42 5.48
CA TYR A 249 8.43 -18.98 5.31
C TYR A 249 7.56 -20.18 4.95
N TYR A 250 6.48 -20.38 5.68
CA TYR A 250 5.57 -21.48 5.44
C TYR A 250 4.33 -20.94 4.76
N LEU A 251 3.69 -21.76 3.93
CA LEU A 251 2.51 -21.30 3.17
C LEU A 251 1.59 -22.47 2.89
N ALA A 252 0.40 -22.43 3.47
CA ALA A 252 -0.59 -23.48 3.24
C ALA A 252 -1.15 -23.39 1.82
N PRO A 253 -1.29 -24.52 1.13
CA PRO A 253 -1.74 -24.50 -0.27
C PRO A 253 -3.24 -24.27 -0.39
N LYS A 254 -3.71 -24.25 -1.62
CA LYS A 254 -5.13 -24.08 -1.89
C LYS A 254 -5.79 -25.43 -2.19
N GLY B 2 -30.49 -11.98 24.87
CA GLY B 2 -29.77 -10.76 25.10
C GLY B 2 -29.22 -10.67 26.51
N ILE B 3 -27.99 -11.14 26.70
CA ILE B 3 -27.39 -11.21 28.03
C ILE B 3 -26.71 -9.89 28.33
N GLN B 4 -27.20 -9.18 29.34
CA GLN B 4 -26.76 -7.83 29.62
C GLN B 4 -25.40 -7.86 30.33
N GLY B 5 -24.42 -7.19 29.72
CA GLY B 5 -23.11 -7.10 30.33
C GLY B 5 -22.26 -8.35 30.24
N LEU B 6 -22.39 -9.12 29.16
CA LEU B 6 -21.55 -10.30 28.97
C LEU B 6 -20.31 -10.00 28.14
N ALA B 7 -20.48 -9.24 27.05
CA ALA B 7 -19.36 -8.91 26.17
C ALA B 7 -18.38 -7.96 26.85
N LYS B 8 -18.90 -7.04 27.68
CA LYS B 8 -18.06 -6.19 28.50
C LYS B 8 -17.34 -6.98 29.58
N LEU B 9 -17.98 -8.04 30.10
CA LEU B 9 -17.37 -8.91 31.11
C LEU B 9 -16.21 -9.69 30.51
N ILE B 10 -16.40 -10.24 29.31
CA ILE B 10 -15.32 -10.97 28.65
C ILE B 10 -14.24 -10.01 28.17
N ALA B 11 -14.60 -8.76 27.85
CA ALA B 11 -13.63 -7.76 27.43
C ALA B 11 -12.74 -7.30 28.58
N ASP B 12 -13.30 -7.10 29.77
CA ASP B 12 -12.45 -6.64 30.87
C ASP B 12 -11.92 -7.78 31.74
N VAL B 13 -12.31 -9.03 31.49
CA VAL B 13 -11.71 -10.17 32.16
C VAL B 13 -10.69 -10.87 31.28
N ALA B 14 -11.06 -11.24 30.05
CA ALA B 14 -10.20 -12.01 29.16
C ALA B 14 -10.08 -11.35 27.79
N PRO B 15 -9.16 -10.40 27.62
CA PRO B 15 -8.89 -9.87 26.28
C PRO B 15 -8.17 -10.85 25.36
N SER B 16 -7.53 -11.88 25.91
CA SER B 16 -6.88 -12.89 25.08
C SER B 16 -7.88 -13.85 24.45
N ALA B 17 -9.05 -14.03 25.06
CA ALA B 17 -10.04 -14.95 24.53
C ALA B 17 -10.78 -14.37 23.32
N ILE B 18 -10.98 -13.06 23.30
CA ILE B 18 -11.56 -12.40 22.14
C ILE B 18 -10.46 -12.18 21.11
N ARG B 19 -10.31 -13.11 20.18
CA ARG B 19 -9.29 -13.01 19.13
C ARG B 19 -9.78 -12.00 18.10
N GLU B 20 -9.39 -10.75 18.29
CA GLU B 20 -9.88 -9.65 17.48
C GLU B 20 -9.17 -9.67 16.11
N ASN B 21 -9.96 -9.70 15.05
CA ASN B 21 -9.42 -9.80 13.69
C ASN B 21 -10.37 -9.14 12.70
N ASP B 22 -9.98 -9.17 11.43
CA ASP B 22 -10.75 -8.56 10.35
C ASP B 22 -11.53 -9.62 9.58
N ILE B 23 -12.18 -9.20 8.50
CA ILE B 23 -12.93 -10.13 7.64
C ILE B 23 -12.00 -10.88 6.71
N LYS B 24 -10.75 -10.42 6.56
CA LYS B 24 -9.74 -11.12 5.77
C LYS B 24 -9.26 -12.41 6.43
N SER B 25 -9.52 -12.61 7.72
CA SER B 25 -8.93 -13.70 8.49
C SER B 25 -9.72 -14.99 8.41
N TYR B 26 -10.76 -15.08 7.58
CA TYR B 26 -11.58 -16.28 7.48
C TYR B 26 -11.66 -16.70 6.01
N PHE B 27 -11.01 -17.81 5.67
CA PHE B 27 -11.05 -18.38 4.33
C PHE B 27 -11.77 -19.71 4.39
N GLY B 28 -12.95 -19.79 3.76
CA GLY B 28 -13.67 -21.04 3.69
C GLY B 28 -14.34 -21.48 4.97
N ARG B 29 -14.42 -20.59 5.96
CA ARG B 29 -15.02 -20.93 7.24
C ARG B 29 -16.54 -20.80 7.12
N LYS B 30 -17.24 -21.90 7.36
CA LYS B 30 -18.69 -21.89 7.32
C LYS B 30 -19.21 -21.17 8.56
N VAL B 31 -19.97 -20.10 8.37
CA VAL B 31 -20.40 -19.25 9.47
C VAL B 31 -21.92 -19.21 9.47
N ALA B 32 -22.54 -19.69 10.55
CA ALA B 32 -23.99 -19.74 10.65
C ALA B 32 -24.51 -18.46 11.29
N ILE B 33 -25.23 -17.65 10.52
CA ILE B 33 -25.56 -16.29 10.92
C ILE B 33 -27.06 -16.23 11.19
N ASP B 34 -27.44 -15.54 12.28
CA ASP B 34 -28.84 -15.19 12.49
C ASP B 34 -29.32 -14.27 11.39
N ALA B 35 -30.45 -14.62 10.78
CA ALA B 35 -30.98 -13.80 9.72
C ALA B 35 -31.69 -12.57 10.28
N SER B 36 -32.37 -12.72 11.42
CA SER B 36 -33.27 -11.68 11.91
C SER B 36 -32.51 -10.48 12.46
N MET B 37 -31.31 -10.72 12.97
CA MET B 37 -30.41 -9.64 13.38
C MET B 37 -29.99 -8.79 12.18
N SER B 38 -29.65 -9.46 11.07
CA SER B 38 -29.29 -8.75 9.84
C SER B 38 -30.49 -8.04 9.23
N ILE B 39 -31.68 -8.65 9.31
CA ILE B 39 -32.90 -8.05 8.77
C ILE B 39 -33.29 -6.80 9.56
N TYR B 40 -33.13 -6.82 10.89
CA TYR B 40 -33.37 -5.59 11.65
C TYR B 40 -32.27 -4.55 11.47
N GLN B 41 -31.01 -5.00 11.29
CA GLN B 41 -29.91 -4.07 11.03
C GLN B 41 -30.08 -3.36 9.69
N PHE B 42 -30.63 -4.04 8.70
CA PHE B 42 -30.82 -3.45 7.38
C PHE B 42 -32.21 -2.88 7.16
N LEU B 43 -33.14 -3.05 8.10
CA LEU B 43 -34.34 -2.23 8.14
C LEU B 43 -34.17 -0.98 8.98
N ILE B 44 -33.19 -0.94 9.87
CA ILE B 44 -32.96 0.23 10.71
C ILE B 44 -31.88 1.13 10.12
N ALA B 45 -30.73 0.55 9.74
CA ALA B 45 -29.60 1.35 9.30
C ALA B 45 -29.80 1.87 7.87
N VAL B 46 -30.42 1.09 7.00
CA VAL B 46 -30.64 1.48 5.62
C VAL B 46 -31.96 2.25 5.53
N ARG B 47 -31.86 3.56 5.37
CA ARG B 47 -33.03 4.42 5.35
C ARG B 47 -32.96 5.39 4.18
N GLN B 48 -34.14 5.79 3.70
CA GLN B 48 -34.29 6.76 2.62
C GLN B 48 -34.58 8.15 3.18
N GLY B 49 -33.95 8.49 4.30
CA GLY B 49 -34.37 9.62 5.09
C GLY B 49 -35.45 9.31 6.09
N GLY B 50 -35.82 8.04 6.23
CA GLY B 50 -36.87 7.62 7.13
C GLY B 50 -38.04 6.99 6.41
N ASP B 51 -37.78 6.47 5.21
CA ASP B 51 -38.84 5.97 4.34
C ASP B 51 -38.63 4.49 4.02
N VAL B 52 -37.52 3.90 4.51
CA VAL B 52 -37.08 2.49 4.52
C VAL B 52 -37.22 1.84 3.14
N LEU B 53 -36.83 2.61 2.10
CA LEU B 53 -36.72 2.18 0.70
C LEU B 53 -38.04 1.65 0.13
N GLN B 54 -39.01 2.54 0.05
CA GLN B 54 -40.32 2.20 -0.50
C GLN B 54 -40.22 2.05 -2.01
N ASN B 55 -40.54 0.87 -2.52
CA ASN B 55 -40.43 0.61 -3.95
C ASN B 55 -41.70 1.06 -4.66
N GLU B 56 -41.80 0.76 -5.95
CA GLU B 56 -42.90 1.25 -6.77
C GLU B 56 -44.14 0.37 -6.68
N GLU B 57 -44.09 -0.73 -5.92
CA GLU B 57 -45.24 -1.62 -5.79
C GLU B 57 -45.91 -1.56 -4.42
N GLY B 58 -45.21 -1.05 -3.40
CA GLY B 58 -45.77 -0.94 -2.08
C GLY B 58 -45.17 -1.87 -1.01
N GLU B 59 -43.96 -2.37 -1.22
CA GLU B 59 -43.30 -3.28 -0.29
C GLU B 59 -42.05 -2.62 0.27
N THR B 60 -41.32 -3.38 1.09
CA THR B 60 -40.11 -2.88 1.75
C THR B 60 -38.92 -3.65 1.22
N THR B 61 -38.06 -2.98 0.46
CA THR B 61 -36.91 -3.60 -0.19
C THR B 61 -35.59 -3.20 0.47
N SER B 62 -35.66 -2.64 1.68
CA SER B 62 -34.46 -2.14 2.35
C SER B 62 -33.58 -3.27 2.86
N HIS B 63 -34.19 -4.27 3.49
CA HIS B 63 -33.44 -5.36 4.11
C HIS B 63 -32.83 -6.27 3.06
N LEU B 64 -33.53 -6.49 1.94
CA LEU B 64 -33.01 -7.31 0.85
C LEU B 64 -31.80 -6.67 0.20
N MET B 65 -31.86 -5.34 0.02
CA MET B 65 -30.74 -4.52 -0.45
C MET B 65 -29.51 -4.66 0.44
N GLY B 66 -29.72 -4.47 1.76
CA GLY B 66 -28.61 -4.47 2.69
C GLY B 66 -27.98 -5.84 2.88
N MET B 67 -28.79 -6.88 3.09
CA MET B 67 -28.18 -8.18 3.31
C MET B 67 -27.79 -8.87 2.01
N PHE B 68 -28.32 -8.42 0.87
CA PHE B 68 -27.82 -8.89 -0.42
C PHE B 68 -26.39 -8.42 -0.63
N TYR B 69 -26.13 -7.12 -0.42
CA TYR B 69 -24.75 -6.64 -0.58
C TYR B 69 -23.83 -7.10 0.53
N ARG B 70 -24.37 -7.35 1.73
CA ARG B 70 -23.59 -7.98 2.79
C ARG B 70 -23.18 -9.40 2.42
N THR B 71 -24.08 -10.16 1.79
CA THR B 71 -23.76 -11.52 1.41
C THR B 71 -22.79 -11.58 0.23
N ILE B 72 -22.89 -10.62 -0.71
CA ILE B 72 -21.95 -10.57 -1.84
C ILE B 72 -20.54 -10.22 -1.36
N ARG B 73 -20.40 -9.20 -0.50
CA ARG B 73 -19.07 -8.92 0.04
C ARG B 73 -18.61 -9.94 1.08
N MET B 74 -19.51 -10.78 1.57
CA MET B 74 -19.09 -11.84 2.47
C MET B 74 -18.62 -13.08 1.70
N MET B 75 -19.14 -13.33 0.49
CA MET B 75 -18.42 -14.27 -0.39
C MET B 75 -17.17 -13.69 -1.02
N GLU B 76 -17.01 -12.37 -1.10
CA GLU B 76 -15.73 -11.83 -1.58
C GLU B 76 -14.59 -12.08 -0.61
N ASN B 77 -14.89 -12.27 0.67
CA ASN B 77 -13.87 -12.59 1.65
C ASN B 77 -13.80 -14.08 1.97
N GLY B 78 -14.55 -14.90 1.23
CA GLY B 78 -14.46 -16.35 1.37
C GLY B 78 -15.27 -16.95 2.49
N ILE B 79 -16.03 -16.13 3.22
CA ILE B 79 -16.86 -16.64 4.31
C ILE B 79 -18.12 -17.26 3.73
N LYS B 80 -18.38 -18.51 4.08
CA LYS B 80 -19.57 -19.21 3.59
C LYS B 80 -20.70 -19.06 4.58
N PRO B 81 -21.77 -18.35 4.26
CA PRO B 81 -22.81 -18.05 5.24
C PRO B 81 -23.87 -19.13 5.29
N VAL B 82 -24.37 -19.37 6.49
CA VAL B 82 -25.57 -20.17 6.70
C VAL B 82 -26.55 -19.24 7.40
N TYR B 83 -27.42 -18.59 6.62
CA TYR B 83 -28.39 -17.67 7.19
C TYR B 83 -29.51 -18.40 7.89
N VAL B 84 -29.28 -18.68 9.18
CA VAL B 84 -30.27 -19.37 10.01
C VAL B 84 -31.36 -18.37 10.39
N PHE B 85 -32.59 -18.67 10.01
CA PHE B 85 -33.69 -17.76 10.26
C PHE B 85 -34.27 -18.02 11.64
N ASP B 86 -34.98 -17.01 12.15
CA ASP B 86 -35.55 -17.09 13.49
C ASP B 86 -36.76 -18.03 13.52
N GLY B 87 -36.99 -18.59 14.71
CA GLY B 87 -38.08 -19.51 14.94
C GLY B 87 -39.14 -18.94 15.86
N LYS B 88 -40.11 -19.77 16.15
CA LYS B 88 -41.20 -19.37 17.03
C LYS B 88 -40.69 -19.38 18.47
N PRO B 89 -40.74 -18.26 19.19
CA PRO B 89 -40.09 -18.19 20.50
C PRO B 89 -40.88 -18.93 21.55
N PRO B 90 -40.22 -19.46 22.58
CA PRO B 90 -40.93 -20.23 23.61
C PRO B 90 -41.70 -19.32 24.58
N GLN B 91 -42.27 -19.94 25.60
CA GLN B 91 -43.07 -19.21 26.58
C GLN B 91 -42.22 -18.36 27.51
N LEU B 92 -40.92 -18.66 27.62
CA LEU B 92 -40.05 -17.91 28.51
C LEU B 92 -39.67 -16.55 27.93
N LYS B 93 -39.71 -16.39 26.62
CA LYS B 93 -39.35 -15.13 25.99
C LYS B 93 -40.60 -14.24 25.82
N SER B 94 -41.75 -14.70 26.30
CA SER B 94 -43.00 -13.93 26.20
C SER B 94 -42.98 -12.68 27.08
N GLY B 95 -42.29 -12.73 28.23
CA GLY B 95 -42.12 -11.53 29.04
C GLY B 95 -41.21 -10.50 28.38
N GLU B 96 -40.17 -10.98 27.69
CA GLU B 96 -39.28 -10.08 26.96
C GLU B 96 -39.97 -9.48 25.74
N LEU B 97 -40.83 -10.25 25.07
CA LEU B 97 -41.65 -9.65 24.01
C LEU B 97 -42.76 -8.77 24.55
N ALA B 98 -43.21 -8.97 25.78
CA ALA B 98 -44.10 -7.99 26.41
C ALA B 98 -43.37 -6.68 26.68
N LYS B 99 -42.10 -6.78 27.10
CA LYS B 99 -41.25 -5.59 27.25
C LYS B 99 -40.99 -4.90 25.91
N ARG B 100 -40.79 -5.70 24.86
CA ARG B 100 -40.60 -5.15 23.51
C ARG B 100 -41.89 -4.54 22.98
N SER B 101 -43.04 -5.11 23.30
CA SER B 101 -44.32 -4.57 22.85
C SER B 101 -44.66 -3.27 23.57
N GLU B 102 -44.35 -3.17 24.87
CA GLU B 102 -44.59 -1.90 25.55
C GLU B 102 -43.53 -0.86 25.17
N ARG B 103 -42.32 -1.30 24.77
CA ARG B 103 -41.34 -0.37 24.21
C ARG B 103 -41.79 0.16 22.85
N ARG B 104 -42.38 -0.72 22.02
CA ARG B 104 -42.95 -0.28 20.75
C ARG B 104 -44.17 0.61 20.94
N ALA B 105 -44.96 0.37 22.00
CA ALA B 105 -46.09 1.24 22.31
C ALA B 105 -45.64 2.62 22.75
N GLU B 106 -44.59 2.68 23.58
CA GLU B 106 -43.99 3.95 23.99
C GLU B 106 -43.38 4.69 22.79
N ALA B 107 -42.73 3.95 21.90
CA ALA B 107 -42.14 4.55 20.69
C ALA B 107 -43.22 5.02 19.72
N GLU B 108 -44.36 4.31 19.65
CA GLU B 108 -45.45 4.73 18.78
C GLU B 108 -46.16 5.97 19.31
N LYS B 109 -46.36 6.02 20.63
CA LYS B 109 -46.95 7.20 21.25
C LYS B 109 -46.03 8.42 21.14
N GLN B 110 -44.72 8.21 21.31
CA GLN B 110 -43.78 9.31 21.16
C GLN B 110 -43.59 9.71 19.70
N LEU B 111 -43.77 8.77 18.75
CA LEU B 111 -43.73 9.11 17.33
C LEU B 111 -44.94 9.93 16.94
N GLN B 112 -46.12 9.59 17.46
CA GLN B 112 -47.31 10.40 17.20
C GLN B 112 -47.26 11.74 17.92
N GLN B 113 -46.53 11.82 19.04
CA GLN B 113 -46.29 13.12 19.66
C GLN B 113 -45.31 13.96 18.85
N ALA B 114 -44.27 13.33 18.29
CA ALA B 114 -43.21 14.06 17.63
C ALA B 114 -43.51 14.40 16.18
N GLN B 115 -44.47 13.71 15.55
CA GLN B 115 -44.83 14.06 14.17
C GLN B 115 -45.67 15.32 14.11
N ALA B 116 -46.36 15.65 15.20
CA ALA B 116 -47.06 16.93 15.29
C ALA B 116 -46.10 18.08 15.57
N ALA B 117 -45.02 17.82 16.30
CA ALA B 117 -44.07 18.86 16.66
C ALA B 117 -43.16 19.27 15.53
N GLY B 118 -43.01 18.43 14.51
CA GLY B 118 -42.18 18.78 13.37
C GLY B 118 -40.69 18.57 13.55
N ALA B 119 -40.27 17.96 14.67
CA ALA B 119 -38.87 17.62 14.87
C ALA B 119 -38.61 16.33 14.11
N GLU B 120 -38.13 16.47 12.87
CA GLU B 120 -38.11 15.37 11.92
C GLU B 120 -36.99 14.37 12.21
N GLN B 121 -36.00 14.74 13.02
CA GLN B 121 -34.95 13.80 13.39
C GLN B 121 -35.43 12.80 14.43
N GLU B 122 -36.23 13.27 15.40
CA GLU B 122 -36.83 12.38 16.38
C GLU B 122 -37.92 11.52 15.76
N VAL B 123 -38.58 12.03 14.71
CA VAL B 123 -39.53 11.25 13.93
C VAL B 123 -38.83 10.08 13.25
N GLU B 124 -37.64 10.33 12.68
CA GLU B 124 -36.82 9.29 12.07
C GLU B 124 -36.32 8.28 13.10
N LYS B 125 -35.96 8.76 14.30
CA LYS B 125 -35.50 7.88 15.37
C LYS B 125 -36.61 6.97 15.88
N PHE B 126 -37.81 7.51 16.10
CA PHE B 126 -38.90 6.71 16.64
C PHE B 126 -39.75 6.05 15.57
N THR B 127 -39.39 6.20 14.29
CA THR B 127 -39.82 5.19 13.32
C THR B 127 -38.73 4.17 13.04
N LYS B 128 -37.48 4.46 13.42
CA LYS B 128 -36.45 3.43 13.43
C LYS B 128 -36.58 2.50 14.63
N ARG B 129 -37.24 2.95 15.70
CA ARG B 129 -37.54 2.07 16.82
C ARG B 129 -38.87 1.33 16.67
N LEU B 130 -39.55 1.49 15.54
CA LEU B 130 -40.82 0.80 15.29
C LEU B 130 -40.69 -0.19 14.15
N VAL B 131 -39.60 -0.95 14.13
CA VAL B 131 -39.36 -1.95 13.09
C VAL B 131 -39.78 -3.30 13.63
N LYS B 132 -40.73 -3.94 12.94
CA LYS B 132 -41.26 -5.24 13.33
C LYS B 132 -40.99 -6.26 12.24
N VAL B 133 -40.50 -7.44 12.63
CA VAL B 133 -40.33 -8.52 11.66
C VAL B 133 -41.70 -9.11 11.35
N THR B 134 -41.90 -9.47 10.09
CA THR B 134 -43.16 -10.04 9.64
C THR B 134 -42.89 -11.39 8.98
N LYS B 135 -43.97 -12.09 8.65
CA LYS B 135 -43.84 -13.34 7.92
C LYS B 135 -43.41 -13.11 6.48
N GLN B 136 -43.92 -12.04 5.86
CA GLN B 136 -43.58 -11.76 4.47
C GLN B 136 -42.16 -11.24 4.30
N HIS B 137 -41.58 -10.60 5.33
CA HIS B 137 -40.18 -10.16 5.27
C HIS B 137 -39.23 -11.35 5.25
N ASN B 138 -39.44 -12.29 6.18
CA ASN B 138 -38.62 -13.49 6.21
C ASN B 138 -38.92 -14.40 5.02
N ASP B 139 -40.16 -14.41 4.52
CA ASP B 139 -40.50 -15.24 3.37
C ASP B 139 -39.85 -14.73 2.09
N GLU B 140 -39.89 -13.41 1.85
CA GLU B 140 -39.21 -12.87 0.68
C GLU B 140 -37.70 -12.86 0.85
N CYS B 141 -37.20 -12.85 2.09
CA CYS B 141 -35.77 -12.95 2.29
C CYS B 141 -35.26 -14.36 2.04
N LYS B 142 -36.02 -15.38 2.47
CA LYS B 142 -35.70 -16.77 2.14
C LYS B 142 -35.87 -17.06 0.65
N HIS B 143 -36.79 -16.35 -0.01
CA HIS B 143 -36.89 -16.39 -1.47
C HIS B 143 -35.63 -15.82 -2.12
N LEU B 144 -35.09 -14.74 -1.54
CA LEU B 144 -33.83 -14.17 -2.04
C LEU B 144 -32.66 -15.11 -1.82
N LEU B 145 -32.60 -15.78 -0.65
CA LEU B 145 -31.60 -16.82 -0.40
C LEU B 145 -31.71 -18.00 -1.36
N SER B 146 -32.93 -18.40 -1.71
CA SER B 146 -33.12 -19.45 -2.70
C SER B 146 -32.66 -19.00 -4.08
N LEU B 147 -32.86 -17.72 -4.38
CA LEU B 147 -32.47 -17.21 -5.69
C LEU B 147 -30.97 -16.99 -5.82
N MET B 148 -30.26 -16.61 -4.76
CA MET B 148 -28.83 -16.31 -4.90
C MET B 148 -27.95 -17.47 -4.46
N GLY B 149 -28.53 -18.63 -4.15
CA GLY B 149 -27.76 -19.84 -3.97
C GLY B 149 -27.13 -20.04 -2.62
N ILE B 150 -27.39 -19.17 -1.65
CA ILE B 150 -26.84 -19.29 -0.30
C ILE B 150 -27.82 -20.11 0.53
N PRO B 151 -27.39 -21.15 1.25
CA PRO B 151 -28.34 -21.96 2.01
C PRO B 151 -28.84 -21.26 3.25
N TYR B 152 -30.06 -21.61 3.66
CA TYR B 152 -30.69 -21.06 4.83
C TYR B 152 -31.32 -22.18 5.64
N LEU B 153 -31.50 -21.93 6.92
CA LEU B 153 -32.26 -22.83 7.79
C LEU B 153 -33.30 -22.06 8.55
N ASP B 154 -34.39 -22.75 8.90
CA ASP B 154 -35.43 -22.22 9.75
C ASP B 154 -35.35 -22.89 11.12
N ALA B 155 -35.30 -22.08 12.12
CA ALA B 155 -35.21 -22.61 13.47
C ALA B 155 -36.58 -23.05 13.96
N PRO B 156 -36.66 -24.08 14.80
CA PRO B 156 -37.93 -24.38 15.46
C PRO B 156 -38.23 -23.42 16.60
N SER B 157 -37.23 -23.11 17.43
CA SER B 157 -37.46 -22.26 18.60
C SER B 157 -36.72 -20.93 18.51
N GLU B 158 -35.40 -20.94 18.39
CA GLU B 158 -34.64 -19.70 18.31
C GLU B 158 -33.45 -19.93 17.38
N ALA B 159 -33.03 -18.85 16.72
CA ALA B 159 -31.95 -18.96 15.76
C ALA B 159 -30.59 -19.11 16.43
N GLU B 160 -30.45 -18.62 17.66
CA GLU B 160 -29.18 -18.70 18.38
C GLU B 160 -28.87 -20.12 18.81
N ALA B 161 -29.91 -20.87 19.22
CA ALA B 161 -29.75 -22.27 19.57
C ALA B 161 -29.40 -23.12 18.37
N SER B 162 -30.01 -22.82 17.22
CA SER B 162 -29.71 -23.53 15.97
C SER B 162 -28.30 -23.25 15.49
N CYS B 163 -27.86 -21.99 15.63
CA CYS B 163 -26.49 -21.62 15.28
C CYS B 163 -25.48 -22.28 16.22
N ALA B 164 -25.81 -22.35 17.51
CA ALA B 164 -24.90 -22.94 18.49
C ALA B 164 -24.79 -24.45 18.34
N ALA B 165 -25.89 -25.13 17.99
CA ALA B 165 -25.78 -26.55 17.70
C ALA B 165 -25.17 -26.81 16.33
N LEU B 166 -25.23 -25.85 15.41
CA LEU B 166 -24.50 -26.00 14.15
C LEU B 166 -23.00 -25.91 14.37
N VAL B 167 -22.54 -25.05 15.29
CA VAL B 167 -21.12 -25.07 15.66
C VAL B 167 -20.80 -26.33 16.45
N LYS B 168 -21.73 -26.75 17.33
CA LYS B 168 -21.51 -27.89 18.22
C LYS B 168 -21.43 -29.21 17.48
N ALA B 169 -22.13 -29.33 16.36
CA ALA B 169 -22.01 -30.51 15.51
C ALA B 169 -20.80 -30.47 14.60
N GLY B 170 -20.11 -29.33 14.52
CA GLY B 170 -19.00 -29.19 13.61
C GLY B 170 -19.38 -28.95 12.16
N LYS B 171 -20.66 -28.71 11.88
CA LYS B 171 -21.10 -28.45 10.52
C LYS B 171 -20.61 -27.09 10.03
N VAL B 172 -20.71 -26.08 10.89
CA VAL B 172 -20.18 -24.76 10.59
C VAL B 172 -19.04 -24.48 11.56
N TYR B 173 -18.30 -23.41 11.28
CA TYR B 173 -17.19 -23.03 12.15
C TYR B 173 -17.63 -22.12 13.28
N ALA B 174 -18.58 -21.21 13.03
CA ALA B 174 -18.89 -20.18 14.01
C ALA B 174 -20.32 -19.71 13.86
N ALA B 175 -20.72 -18.88 14.82
CA ALA B 175 -21.95 -18.11 14.74
C ALA B 175 -21.60 -16.63 14.67
N ALA B 176 -22.37 -15.88 13.89
CA ALA B 176 -22.15 -14.45 13.73
C ALA B 176 -23.40 -13.73 14.19
N THR B 177 -23.49 -13.49 15.50
CA THR B 177 -24.63 -12.81 16.08
C THR B 177 -24.13 -11.57 16.79
N GLU B 178 -24.92 -10.50 16.77
CA GLU B 178 -24.75 -9.47 17.76
C GLU B 178 -25.27 -9.90 19.12
N ASP B 179 -26.18 -10.88 19.15
CA ASP B 179 -26.68 -11.44 20.38
C ASP B 179 -25.59 -12.26 21.04
N MET B 180 -25.52 -12.19 22.37
CA MET B 180 -24.55 -12.93 23.14
C MET B 180 -25.12 -14.22 23.72
N ASP B 181 -26.32 -14.63 23.29
CA ASP B 181 -26.93 -15.86 23.78
C ASP B 181 -26.23 -17.11 23.26
N CYS B 182 -25.47 -17.00 22.15
CA CYS B 182 -24.85 -18.15 21.51
C CYS B 182 -23.72 -18.74 22.34
N LEU B 183 -23.14 -17.97 23.26
CA LEU B 183 -22.18 -18.54 24.19
C LEU B 183 -22.83 -19.40 25.27
N THR B 184 -24.13 -19.23 25.51
CA THR B 184 -24.83 -20.06 26.48
C THR B 184 -25.71 -21.12 25.85
N PHE B 185 -26.13 -20.94 24.59
CA PHE B 185 -26.77 -22.04 23.90
C PHE B 185 -25.76 -23.10 23.48
N GLY B 186 -24.48 -22.74 23.41
CA GLY B 186 -23.45 -23.76 23.41
C GLY B 186 -22.33 -23.63 22.41
N SER B 187 -22.31 -22.56 21.60
CA SER B 187 -21.33 -22.41 20.51
C SER B 187 -19.95 -22.12 21.07
N PRO B 188 -18.94 -22.96 20.75
CA PRO B 188 -17.58 -22.68 21.24
C PRO B 188 -16.92 -21.47 20.59
N VAL B 189 -17.26 -21.13 19.36
CA VAL B 189 -16.65 -20.00 18.69
C VAL B 189 -17.76 -19.07 18.21
N LEU B 190 -17.69 -17.80 18.59
CA LEU B 190 -18.71 -16.81 18.26
C LEU B 190 -18.01 -15.58 17.67
N MET B 191 -18.28 -15.28 16.41
CA MET B 191 -17.88 -13.95 15.97
C MET B 191 -19.03 -12.96 16.13
N ARG B 192 -18.65 -11.69 16.24
CA ARG B 192 -19.57 -10.58 16.32
C ARG B 192 -19.14 -9.54 15.30
N HIS B 193 -20.07 -8.64 14.97
CA HIS B 193 -19.87 -7.50 14.05
C HIS B 193 -19.43 -7.95 12.66
N LEU B 194 -19.98 -9.06 12.17
CA LEU B 194 -19.66 -9.53 10.82
C LEU B 194 -20.46 -8.68 9.84
N THR B 195 -19.84 -7.59 9.41
CA THR B 195 -20.42 -6.68 8.45
C THR B 195 -19.62 -6.73 7.15
N ALA B 196 -20.17 -6.13 6.10
CA ALA B 196 -19.49 -6.10 4.80
C ALA B 196 -18.47 -4.97 4.72
N SER B 197 -18.94 -3.74 4.86
CA SER B 197 -18.06 -2.57 4.84
C SER B 197 -17.30 -2.50 6.15
N GLU B 198 -16.15 -3.19 6.23
CA GLU B 198 -15.42 -3.29 7.48
C GLU B 198 -13.93 -3.40 7.16
N ALA B 199 -13.18 -2.34 7.44
CA ALA B 199 -11.73 -2.38 7.32
C ALA B 199 -11.07 -2.23 8.69
N LYS B 200 -11.32 -1.14 9.39
CA LYS B 200 -10.77 -0.93 10.72
C LYS B 200 -11.76 -0.25 11.67
N LYS B 201 -13.00 -0.02 11.25
CA LYS B 201 -13.89 0.84 12.02
C LYS B 201 -14.52 0.12 13.21
N LEU B 202 -14.98 -1.12 13.02
CA LEU B 202 -15.53 -1.95 14.10
C LEU B 202 -15.36 -3.40 13.72
N PRO B 203 -14.13 -3.95 13.83
CA PRO B 203 -13.88 -5.29 13.27
C PRO B 203 -14.38 -6.42 14.16
N ILE B 204 -14.06 -7.64 13.77
CA ILE B 204 -14.74 -8.83 14.28
C ILE B 204 -14.22 -9.20 15.66
N GLN B 205 -15.15 -9.31 16.61
CA GLN B 205 -14.86 -9.81 17.96
C GLN B 205 -15.15 -11.31 17.97
N GLU B 206 -14.13 -12.11 17.72
CA GLU B 206 -14.28 -13.56 17.75
C GLU B 206 -14.22 -14.04 19.18
N PHE B 207 -15.38 -14.20 19.81
CA PHE B 207 -15.45 -14.75 21.15
C PHE B 207 -15.19 -16.26 21.11
N HIS B 208 -14.66 -16.77 22.21
CA HIS B 208 -14.32 -18.19 22.33
C HIS B 208 -14.91 -18.68 23.65
N LEU B 209 -15.86 -19.61 23.58
CA LEU B 209 -16.47 -20.12 24.79
C LEU B 209 -15.54 -21.09 25.50
N SER B 210 -14.77 -21.87 24.74
CA SER B 210 -13.85 -22.85 25.32
C SER B 210 -12.71 -22.16 26.07
N ARG B 211 -12.27 -21.01 25.56
CA ARG B 211 -11.21 -20.25 26.21
C ARG B 211 -11.67 -19.63 27.52
N ILE B 212 -12.90 -19.09 27.56
CA ILE B 212 -13.38 -18.48 28.80
C ILE B 212 -13.77 -19.53 29.83
N LEU B 213 -14.19 -20.73 29.37
CA LEU B 213 -14.43 -21.82 30.33
C LEU B 213 -13.12 -22.38 30.86
N GLN B 214 -12.03 -22.32 30.09
CA GLN B 214 -10.74 -22.72 30.66
C GLN B 214 -10.18 -21.65 31.60
N GLU B 215 -10.31 -20.36 31.25
CA GLU B 215 -9.61 -19.37 32.07
C GLU B 215 -10.38 -18.96 33.32
N LEU B 216 -11.72 -19.02 33.31
CA LEU B 216 -12.43 -18.89 34.57
C LEU B 216 -12.63 -20.21 35.30
N GLY B 217 -12.39 -21.35 34.65
CA GLY B 217 -12.40 -22.64 35.33
C GLY B 217 -13.77 -23.13 35.74
N LEU B 218 -14.65 -23.34 34.77
CA LEU B 218 -16.02 -23.77 35.05
C LEU B 218 -16.54 -24.47 33.79
N ASN B 219 -17.56 -25.29 33.97
CA ASN B 219 -18.11 -26.01 32.83
C ASN B 219 -19.26 -25.20 32.24
N GLN B 220 -20.05 -25.83 31.35
CA GLN B 220 -21.07 -25.12 30.59
C GLN B 220 -22.26 -24.74 31.47
N GLU B 221 -22.64 -25.61 32.41
CA GLU B 221 -23.81 -25.41 33.26
C GLU B 221 -23.62 -24.24 34.22
N GLN B 222 -22.42 -24.09 34.77
CA GLN B 222 -22.14 -22.97 35.65
C GLN B 222 -22.03 -21.65 34.89
N PHE B 223 -21.58 -21.69 33.63
CA PHE B 223 -21.60 -20.49 32.79
C PHE B 223 -23.02 -20.09 32.40
N VAL B 224 -23.87 -21.09 32.18
CA VAL B 224 -25.30 -20.86 31.98
C VAL B 224 -25.92 -20.19 33.20
N ASP B 225 -25.55 -20.67 34.40
CA ASP B 225 -26.04 -20.07 35.64
C ASP B 225 -25.50 -18.65 35.84
N LEU B 226 -24.24 -18.42 35.46
CA LEU B 226 -23.64 -17.08 35.51
C LEU B 226 -24.37 -16.11 34.61
N CYS B 227 -24.77 -16.56 33.42
CA CYS B 227 -25.53 -15.66 32.55
C CYS B 227 -27.00 -15.57 32.90
N ILE B 228 -27.52 -16.49 33.72
CA ILE B 228 -28.81 -16.23 34.38
C ILE B 228 -28.68 -15.08 35.38
N LEU B 229 -27.62 -15.09 36.20
CA LEU B 229 -27.44 -14.00 37.15
C LEU B 229 -26.97 -12.70 36.49
N LEU B 230 -26.45 -12.76 35.26
CA LEU B 230 -26.27 -11.52 34.48
C LEU B 230 -27.61 -10.96 34.05
N GLY B 231 -28.57 -11.83 33.76
CA GLY B 231 -29.87 -11.40 33.32
C GLY B 231 -30.07 -11.65 31.84
N SER B 232 -30.73 -12.76 31.51
CA SER B 232 -30.99 -13.10 30.13
C SER B 232 -32.38 -12.58 29.75
N ASP B 233 -32.83 -12.95 28.56
CA ASP B 233 -34.14 -12.53 28.05
C ASP B 233 -35.22 -13.57 28.31
N TYR B 234 -34.94 -14.54 29.17
CA TYR B 234 -35.85 -15.64 29.47
C TYR B 234 -36.38 -15.59 30.89
N CYS B 235 -35.51 -15.52 31.88
CA CYS B 235 -35.92 -15.34 33.27
C CYS B 235 -35.08 -14.22 33.88
N GLU B 236 -35.63 -13.61 34.92
CA GLU B 236 -35.01 -12.45 35.54
C GLU B 236 -33.80 -12.85 36.39
N SER B 237 -33.04 -11.86 36.80
CA SER B 237 -31.88 -12.05 37.65
C SER B 237 -32.18 -11.58 39.06
N ILE B 238 -31.23 -11.85 39.96
CA ILE B 238 -31.31 -11.33 41.32
C ILE B 238 -30.98 -9.85 41.30
N ARG B 239 -31.81 -9.05 41.96
CA ARG B 239 -31.63 -7.60 41.97
C ARG B 239 -30.44 -7.23 42.87
N GLY B 240 -29.53 -6.44 42.32
CA GLY B 240 -28.31 -6.07 43.02
C GLY B 240 -27.08 -6.84 42.62
N ILE B 241 -27.19 -7.77 41.68
CA ILE B 241 -26.07 -8.58 41.22
C ILE B 241 -25.86 -8.33 39.73
N GLY B 242 -24.67 -7.88 39.37
CA GLY B 242 -24.36 -7.51 38.01
C GLY B 242 -23.28 -8.41 37.44
N PRO B 243 -22.29 -7.84 36.74
CA PRO B 243 -21.17 -8.65 36.24
C PRO B 243 -20.27 -9.24 37.31
N LYS B 244 -19.69 -8.37 38.14
CA LYS B 244 -18.60 -8.78 39.02
C LYS B 244 -19.11 -9.60 40.21
N ARG B 245 -20.31 -9.26 40.71
CA ARG B 245 -20.88 -10.02 41.81
C ARG B 245 -21.31 -11.42 41.37
N ALA B 246 -21.82 -11.55 40.14
CA ALA B 246 -22.17 -12.88 39.64
C ALA B 246 -20.94 -13.72 39.33
N VAL B 247 -19.87 -13.07 38.85
CA VAL B 247 -18.60 -13.77 38.63
C VAL B 247 -18.01 -14.27 39.94
N ASP B 248 -18.04 -13.42 40.98
CA ASP B 248 -17.51 -13.79 42.29
C ASP B 248 -18.36 -14.87 42.97
N LEU B 249 -19.69 -14.75 42.91
CA LEU B 249 -20.54 -15.77 43.52
C LEU B 249 -20.56 -17.08 42.75
N ILE B 250 -20.39 -17.06 41.42
CA ILE B 250 -20.26 -18.31 40.68
C ILE B 250 -18.92 -18.98 40.96
N GLN B 251 -17.84 -18.18 41.02
CA GLN B 251 -16.51 -18.74 41.29
C GLN B 251 -16.34 -19.19 42.73
N LYS B 252 -17.14 -18.66 43.67
CA LYS B 252 -17.11 -19.17 45.04
C LYS B 252 -18.17 -20.23 45.30
N HIS B 253 -19.24 -20.27 44.51
CA HIS B 253 -20.38 -21.15 44.74
C HIS B 253 -20.87 -21.63 43.40
N LYS B 254 -20.68 -22.93 43.12
CA LYS B 254 -20.75 -23.40 41.74
C LYS B 254 -22.19 -23.59 41.29
N SER B 255 -22.98 -24.32 42.07
CA SER B 255 -24.36 -24.60 41.70
C SER B 255 -25.26 -23.39 41.98
N ILE B 256 -26.45 -23.42 41.38
CA ILE B 256 -27.43 -22.35 41.57
C ILE B 256 -28.11 -22.42 42.93
N GLU B 257 -28.14 -23.61 43.56
CA GLU B 257 -28.68 -23.71 44.90
C GLU B 257 -27.78 -23.02 45.92
N GLU B 258 -26.47 -23.07 45.70
CA GLU B 258 -25.54 -22.35 46.57
C GLU B 258 -25.60 -20.84 46.34
N ILE B 259 -26.04 -20.42 45.14
CA ILE B 259 -26.36 -19.02 44.92
C ILE B 259 -27.62 -18.63 45.69
N VAL B 260 -28.64 -19.50 45.69
CA VAL B 260 -29.95 -19.11 46.20
C VAL B 260 -29.98 -19.15 47.74
N ARG B 261 -29.56 -20.26 48.35
CA ARG B 261 -29.90 -20.46 49.77
C ARG B 261 -29.02 -19.67 50.72
N ARG B 262 -27.82 -19.26 50.31
CA ARG B 262 -27.00 -18.39 51.16
C ARG B 262 -27.19 -16.93 50.75
N LEU B 263 -28.44 -16.47 50.81
CA LEU B 263 -28.77 -15.10 50.48
C LEU B 263 -29.93 -14.65 51.36
N ASP B 264 -29.73 -13.56 52.06
CA ASP B 264 -30.80 -13.00 52.86
C ASP B 264 -31.81 -12.30 51.94
N PRO B 265 -33.12 -12.45 52.21
CA PRO B 265 -34.11 -11.77 51.38
C PRO B 265 -34.19 -10.27 51.60
N ASN B 266 -33.66 -9.74 52.70
CA ASN B 266 -33.75 -8.32 52.96
C ASN B 266 -32.65 -7.51 52.27
N LYS B 267 -31.67 -8.16 51.65
CA LYS B 267 -30.65 -7.46 50.88
C LYS B 267 -30.60 -7.89 49.42
N TYR B 268 -30.66 -9.19 49.15
CA TYR B 268 -30.72 -9.72 47.78
C TYR B 268 -31.95 -10.61 47.66
N PRO B 269 -33.11 -10.06 47.26
CA PRO B 269 -34.32 -10.88 47.19
C PRO B 269 -34.31 -11.85 46.02
N VAL B 270 -34.84 -13.05 46.26
CA VAL B 270 -35.21 -13.95 45.17
C VAL B 270 -36.54 -13.50 44.60
N PRO B 271 -36.64 -13.25 43.30
CA PRO B 271 -37.89 -12.73 42.73
C PRO B 271 -38.99 -13.78 42.64
N GLU B 272 -40.20 -13.29 42.43
CA GLU B 272 -41.37 -14.15 42.32
C GLU B 272 -41.46 -14.75 40.93
N ASN B 273 -41.80 -16.06 40.90
CA ASN B 273 -41.88 -16.91 39.69
C ASN B 273 -40.57 -16.89 38.90
N TRP B 274 -39.46 -17.00 39.62
CA TRP B 274 -38.12 -16.88 39.05
C TRP B 274 -37.68 -18.27 38.63
N LEU B 275 -37.87 -18.55 37.33
CA LEU B 275 -37.76 -19.90 36.77
C LEU B 275 -36.35 -20.15 36.22
N HIS B 276 -35.43 -20.41 37.14
CA HIS B 276 -34.04 -20.66 36.76
C HIS B 276 -33.83 -22.06 36.19
N LYS B 277 -34.63 -23.05 36.61
CA LYS B 277 -34.40 -24.43 36.19
C LYS B 277 -34.81 -24.63 34.74
N GLU B 278 -35.91 -24.03 34.32
CA GLU B 278 -36.37 -24.21 32.95
C GLU B 278 -35.53 -23.40 31.97
N ALA B 279 -35.04 -22.23 32.39
CA ALA B 279 -34.09 -21.48 31.57
C ALA B 279 -32.73 -22.19 31.50
N HIS B 280 -32.35 -22.88 32.57
CA HIS B 280 -31.14 -23.71 32.56
C HIS B 280 -31.27 -24.87 31.59
N GLN B 281 -32.44 -25.54 31.59
CA GLN B 281 -32.67 -26.63 30.66
C GLN B 281 -32.84 -26.14 29.23
N LEU B 282 -33.32 -24.90 29.05
CA LEU B 282 -33.46 -24.34 27.72
C LEU B 282 -32.13 -23.87 27.16
N PHE B 283 -31.18 -23.47 28.02
CA PHE B 283 -29.83 -23.23 27.50
C PHE B 283 -29.06 -24.52 27.27
N LEU B 284 -29.29 -25.56 28.07
CA LEU B 284 -28.60 -26.82 27.81
C LEU B 284 -29.24 -27.61 26.68
N GLU B 285 -30.55 -27.87 26.76
CA GLU B 285 -31.24 -28.66 25.74
C GLU B 285 -32.38 -27.82 25.18
N PRO B 286 -32.15 -27.06 24.13
CA PRO B 286 -33.24 -26.30 23.49
C PRO B 286 -33.90 -27.11 22.38
N GLU B 287 -35.03 -26.58 21.91
CA GLU B 287 -35.73 -27.16 20.76
C GLU B 287 -34.96 -26.74 19.52
N VAL B 288 -34.06 -27.62 19.06
CA VAL B 288 -33.16 -27.35 17.95
C VAL B 288 -33.42 -28.39 16.86
N LEU B 289 -33.46 -27.95 15.61
CA LEU B 289 -33.45 -28.88 14.49
C LEU B 289 -32.08 -29.56 14.40
N ASP B 290 -32.07 -30.76 13.84
CA ASP B 290 -30.87 -31.59 13.84
C ASP B 290 -29.83 -31.07 12.85
N PRO B 291 -28.63 -30.71 13.29
CA PRO B 291 -27.62 -30.16 12.36
C PRO B 291 -26.98 -31.20 11.46
N GLU B 292 -26.97 -32.47 11.87
CA GLU B 292 -26.45 -33.52 10.99
C GLU B 292 -27.42 -33.85 9.87
N SER B 293 -28.73 -33.68 10.11
CA SER B 293 -29.73 -34.03 9.11
C SER B 293 -29.78 -33.00 7.98
N VAL B 294 -29.55 -31.73 8.27
CA VAL B 294 -29.61 -30.70 7.24
C VAL B 294 -28.34 -30.73 6.39
N GLU B 295 -28.45 -30.18 5.18
CA GLU B 295 -27.35 -30.15 4.24
C GLU B 295 -27.08 -28.71 3.84
N LEU B 296 -25.80 -28.34 3.83
CA LEU B 296 -25.36 -26.99 3.50
C LEU B 296 -24.68 -27.01 2.14
N LYS B 297 -25.35 -26.47 1.13
CA LYS B 297 -24.86 -26.47 -0.24
C LYS B 297 -24.93 -25.05 -0.79
N TRP B 298 -23.82 -24.58 -1.35
CA TRP B 298 -23.72 -23.23 -1.90
C TRP B 298 -23.82 -23.36 -3.42
N SER B 299 -25.05 -23.37 -3.92
CA SER B 299 -25.30 -23.62 -5.32
C SER B 299 -25.02 -22.37 -6.16
N GLU B 300 -24.91 -22.58 -7.46
CA GLU B 300 -24.71 -21.47 -8.39
C GLU B 300 -26.01 -20.70 -8.56
N PRO B 301 -26.01 -19.38 -8.39
CA PRO B 301 -27.25 -18.62 -8.55
C PRO B 301 -27.64 -18.47 -10.01
N ASN B 302 -28.95 -18.43 -10.25
CA ASN B 302 -29.44 -17.97 -11.54
C ASN B 302 -29.30 -16.46 -11.64
N GLU B 303 -28.65 -16.00 -12.71
CA GLU B 303 -28.26 -14.61 -12.78
C GLU B 303 -29.42 -13.73 -13.23
N GLU B 304 -29.88 -13.94 -14.48
CA GLU B 304 -30.85 -13.04 -15.11
C GLU B 304 -32.24 -13.19 -14.50
N GLU B 305 -32.54 -14.35 -13.91
CA GLU B 305 -33.79 -14.53 -13.19
C GLU B 305 -33.81 -13.70 -11.91
N LEU B 306 -32.67 -13.65 -11.20
CA LEU B 306 -32.54 -12.80 -10.03
C LEU B 306 -32.56 -11.31 -10.39
N ILE B 307 -31.96 -10.97 -11.55
CA ILE B 307 -31.99 -9.60 -12.05
C ILE B 307 -33.42 -9.16 -12.40
N LYS B 308 -34.19 -10.04 -13.06
CA LYS B 308 -35.56 -9.65 -13.41
C LYS B 308 -36.48 -9.69 -12.19
N PHE B 309 -36.15 -10.50 -11.18
CA PHE B 309 -36.88 -10.47 -9.91
C PHE B 309 -36.70 -9.13 -9.19
N MET B 310 -35.42 -8.72 -8.99
CA MET B 310 -35.12 -7.48 -8.29
C MET B 310 -35.42 -6.23 -9.12
N CYS B 311 -35.55 -6.36 -10.44
CA CYS B 311 -35.89 -5.22 -11.27
C CYS B 311 -37.34 -5.23 -11.76
N GLY B 312 -38.09 -6.28 -11.45
CA GLY B 312 -39.49 -6.30 -11.80
C GLY B 312 -40.38 -6.00 -10.62
N GLU B 313 -40.10 -6.58 -9.46
CA GLU B 313 -40.96 -6.32 -8.32
C GLU B 313 -40.24 -5.93 -7.04
N LYS B 314 -38.91 -5.80 -7.06
CA LYS B 314 -38.18 -5.20 -5.95
C LYS B 314 -37.46 -3.92 -6.34
N GLN B 315 -37.48 -3.55 -7.64
CA GLN B 315 -37.11 -2.23 -8.17
C GLN B 315 -35.64 -1.87 -7.92
N PHE B 316 -34.74 -2.75 -8.36
CA PHE B 316 -33.31 -2.50 -8.26
C PHE B 316 -32.76 -2.05 -9.61
N SER B 317 -31.44 -1.90 -9.66
CA SER B 317 -30.75 -1.62 -10.91
C SER B 317 -30.29 -2.92 -11.55
N GLU B 318 -30.28 -2.94 -12.89
CA GLU B 318 -29.90 -4.16 -13.61
C GLU B 318 -28.40 -4.42 -13.49
N GLU B 319 -27.58 -3.37 -13.68
CA GLU B 319 -26.14 -3.53 -13.65
C GLU B 319 -25.62 -3.76 -12.23
N ARG B 320 -26.35 -3.27 -11.22
CA ARG B 320 -25.94 -3.45 -9.83
C ARG B 320 -26.10 -4.90 -9.38
N ILE B 321 -27.27 -5.49 -9.64
CA ILE B 321 -27.52 -6.90 -9.34
C ILE B 321 -26.67 -7.80 -10.22
N ARG B 322 -26.44 -7.40 -11.49
CA ARG B 322 -25.56 -8.14 -12.38
C ARG B 322 -24.11 -8.14 -11.89
N SER B 323 -23.64 -7.00 -11.36
CA SER B 323 -22.30 -6.92 -10.78
C SER B 323 -22.20 -7.74 -9.51
N GLY B 324 -23.27 -7.77 -8.70
CA GLY B 324 -23.27 -8.61 -7.51
C GLY B 324 -23.23 -10.10 -7.78
N VAL B 325 -24.03 -10.56 -8.75
CA VAL B 325 -24.02 -11.98 -9.13
C VAL B 325 -22.70 -12.35 -9.84
N LYS B 326 -22.10 -11.41 -10.58
CA LYS B 326 -20.78 -11.63 -11.15
C LYS B 326 -19.69 -11.71 -10.08
N ARG B 327 -19.83 -10.91 -9.01
CA ARG B 327 -18.89 -10.96 -7.88
C ARG B 327 -19.00 -12.27 -7.13
N LEU B 328 -20.22 -12.77 -6.91
CA LEU B 328 -20.37 -14.07 -6.25
C LEU B 328 -19.95 -15.21 -7.18
N SER B 329 -20.11 -15.04 -8.49
CA SER B 329 -19.71 -16.08 -9.44
C SER B 329 -18.19 -16.19 -9.53
N LYS B 330 -17.48 -15.06 -9.47
CA LYS B 330 -16.03 -15.15 -9.39
C LYS B 330 -15.56 -15.53 -8.00
N SER B 331 -16.40 -15.33 -6.97
CA SER B 331 -16.08 -15.84 -5.64
C SER B 331 -16.15 -17.35 -5.58
N ARG B 332 -17.16 -17.95 -6.23
CA ARG B 332 -17.31 -19.39 -6.21
C ARG B 332 -16.47 -20.10 -7.27
N GLN B 333 -15.86 -19.37 -8.20
CA GLN B 333 -15.10 -19.99 -9.27
C GLN B 333 -13.76 -20.54 -8.76
N GLY B 334 -13.06 -19.76 -7.95
CA GLY B 334 -11.73 -20.13 -7.54
C GLY B 334 -11.70 -21.21 -6.46
N SER B 335 -10.52 -21.79 -6.27
CA SER B 335 -10.32 -22.79 -5.23
C SER B 335 -10.27 -22.14 -3.86
N THR B 336 -10.63 -22.90 -2.84
CA THR B 336 -10.62 -22.38 -1.48
C THR B 336 -9.19 -22.32 -0.95
N GLN B 337 -8.96 -21.37 -0.06
CA GLN B 337 -7.63 -21.11 0.48
C GLN B 337 -7.46 -21.89 1.77
N GLY B 338 -6.55 -22.85 1.78
CA GLY B 338 -6.38 -23.70 2.94
C GLY B 338 -5.68 -22.99 4.08
N ARG B 339 -6.02 -23.40 5.30
CA ARG B 339 -5.48 -22.80 6.50
C ARG B 339 -4.22 -23.54 6.93
N LEU B 340 -3.48 -22.91 7.84
CA LEU B 340 -2.22 -23.45 8.30
C LEU B 340 -2.33 -24.27 9.59
N ASP B 341 -3.34 -24.01 10.42
CA ASP B 341 -3.53 -24.79 11.63
C ASP B 341 -4.06 -26.20 11.36
N ASP B 342 -4.56 -26.46 10.15
CA ASP B 342 -4.89 -27.82 9.73
C ASP B 342 -3.63 -28.69 9.61
N PHE B 343 -2.54 -28.10 9.13
CA PHE B 343 -1.33 -28.86 8.84
C PHE B 343 -0.33 -28.84 9.98
N PHE B 344 -0.32 -27.80 10.79
CA PHE B 344 0.60 -27.69 11.91
C PHE B 344 -0.18 -27.57 13.21
N LYS B 345 0.30 -28.25 14.24
CA LYS B 345 -0.38 -28.32 15.52
C LYS B 345 0.33 -27.44 16.54
N VAL B 346 -0.46 -26.80 17.40
CA VAL B 346 0.06 -25.88 18.40
C VAL B 346 0.70 -26.68 19.53
N THR B 347 1.96 -26.35 19.84
CA THR B 347 2.61 -26.95 21.00
C THR B 347 2.35 -26.15 22.26
N GLY B 348 2.58 -24.84 22.20
CA GLY B 348 2.34 -23.98 23.35
C GLY B 348 2.42 -22.51 22.98
N SER B 349 1.78 -21.65 23.77
CA SER B 349 1.81 -20.22 23.51
C SER B 349 3.12 -19.62 24.04
N LEU B 350 3.33 -18.35 23.70
CA LEU B 350 4.49 -17.61 24.16
C LEU B 350 4.05 -16.37 24.93
N SER B 351 4.71 -16.11 26.05
CA SER B 351 4.36 -15.00 26.92
C SER B 351 5.08 -13.73 26.48
N SER B 352 5.05 -12.71 27.33
CA SER B 352 5.77 -11.47 27.04
C SER B 352 6.79 -11.19 28.13
N PHE C 2 18.65 44.63 -14.21
CA PHE C 2 19.10 43.44 -13.49
C PHE C 2 19.56 42.35 -14.45
N GLU C 3 20.77 41.85 -14.23
CA GLU C 3 21.31 40.78 -15.06
C GLU C 3 22.29 39.99 -14.19
N ALA C 4 21.83 38.87 -13.65
CA ALA C 4 22.63 38.00 -12.80
C ALA C 4 22.87 36.69 -13.53
N ARG C 5 24.12 36.29 -13.63
CA ARG C 5 24.50 35.09 -14.37
C ARG C 5 25.30 34.16 -13.47
N LEU C 6 24.83 32.92 -13.34
CA LEU C 6 25.55 31.89 -12.61
C LEU C 6 26.20 30.95 -13.63
N VAL C 7 27.50 30.70 -13.46
CA VAL C 7 28.21 29.82 -14.37
C VAL C 7 27.81 28.36 -14.12
N GLN C 8 27.37 28.04 -12.90
CA GLN C 8 26.79 26.74 -12.58
C GLN C 8 25.48 27.01 -11.85
N GLY C 9 24.37 26.75 -12.52
CA GLY C 9 23.06 27.02 -11.98
C GLY C 9 22.46 25.92 -11.13
N SER C 10 23.23 24.87 -10.86
CA SER C 10 22.78 23.83 -9.94
C SER C 10 22.68 24.33 -8.52
N ILE C 11 23.48 25.36 -8.16
CA ILE C 11 23.36 26.04 -6.87
C ILE C 11 22.00 26.71 -6.73
N LEU C 12 21.57 27.41 -7.78
CA LEU C 12 20.28 28.09 -7.76
C LEU C 12 19.12 27.09 -7.79
N LYS C 13 19.29 25.98 -8.53
CA LYS C 13 18.26 24.94 -8.55
C LYS C 13 18.15 24.23 -7.20
N LYS C 14 19.27 24.01 -6.51
CA LYS C 14 19.21 23.39 -5.19
C LYS C 14 18.69 24.36 -4.14
N VAL C 15 18.92 25.67 -4.32
CA VAL C 15 18.31 26.69 -3.45
C VAL C 15 16.80 26.70 -3.59
N LEU C 16 16.29 26.61 -4.83
CA LEU C 16 14.84 26.59 -5.01
C LEU C 16 14.20 25.26 -4.60
N GLU C 17 14.92 24.14 -4.75
CA GLU C 17 14.40 22.89 -4.23
C GLU C 17 14.49 22.83 -2.70
N ALA C 18 15.38 23.62 -2.11
CA ALA C 18 15.41 23.79 -0.67
C ALA C 18 14.22 24.62 -0.19
N LEU C 19 13.98 25.75 -0.85
CA LEU C 19 13.05 26.75 -0.36
C LEU C 19 11.62 26.56 -0.85
N LYS C 20 11.38 25.64 -1.79
CA LYS C 20 10.02 25.44 -2.27
C LYS C 20 9.14 24.67 -1.29
N ASP C 21 9.74 23.99 -0.33
CA ASP C 21 9.00 23.08 0.53
C ASP C 21 8.36 23.78 1.71
N LEU C 22 8.94 24.88 2.18
CA LEU C 22 8.38 25.59 3.32
C LEU C 22 7.99 27.03 3.02
N ILE C 23 8.76 27.77 2.23
CA ILE C 23 8.37 29.08 1.75
C ILE C 23 7.50 28.86 0.51
N ASN C 24 6.27 29.38 0.53
CA ASN C 24 5.43 29.28 -0.65
C ASN C 24 5.56 30.55 -1.46
N GLU C 25 5.54 31.71 -0.81
CA GLU C 25 5.65 33.01 -1.48
C GLU C 25 6.81 33.76 -0.86
N ALA C 26 7.70 34.30 -1.70
CA ALA C 26 8.93 34.90 -1.22
C ALA C 26 9.16 36.24 -1.91
N CYS C 27 9.93 37.10 -1.24
CA CYS C 27 10.37 38.36 -1.80
C CYS C 27 11.87 38.33 -2.01
N TRP C 28 12.31 38.62 -3.24
CA TRP C 28 13.72 38.56 -3.58
C TRP C 28 14.27 39.97 -3.60
N ASP C 29 14.70 40.43 -2.42
CA ASP C 29 15.23 41.78 -2.25
C ASP C 29 16.67 41.79 -2.76
N ILE C 30 16.79 41.92 -4.07
CA ILE C 30 18.11 41.99 -4.70
C ILE C 30 18.72 43.37 -4.46
N SER C 31 20.04 43.44 -4.58
CA SER C 31 20.76 44.68 -4.38
C SER C 31 21.99 44.66 -5.29
N SER C 32 22.74 45.77 -5.26
CA SER C 32 24.02 45.79 -5.96
C SER C 32 25.07 45.01 -5.19
N SER C 33 24.92 44.91 -3.87
CA SER C 33 25.86 44.14 -3.05
C SER C 33 25.64 42.65 -3.20
N GLY C 34 24.44 42.20 -3.53
CA GLY C 34 24.18 40.80 -3.71
C GLY C 34 22.70 40.50 -3.65
N VAL C 35 22.38 39.25 -3.93
CA VAL C 35 20.99 38.77 -3.90
C VAL C 35 20.67 38.31 -2.48
N ASN C 36 19.61 38.88 -1.91
CA ASN C 36 19.23 38.58 -0.53
C ASN C 36 17.76 38.19 -0.47
N LEU C 37 17.44 37.38 0.54
CA LEU C 37 16.06 36.98 0.82
C LEU C 37 15.91 36.76 2.31
N GLN C 38 14.88 37.36 2.90
CA GLN C 38 14.62 37.22 4.33
C GLN C 38 13.19 36.77 4.58
N SER C 39 12.65 35.93 3.70
CA SER C 39 11.23 35.60 3.77
C SER C 39 10.96 34.57 4.86
N MET C 40 9.69 34.44 5.21
CA MET C 40 9.26 33.60 6.33
C MET C 40 8.06 32.79 5.87
N ASP C 41 7.95 31.56 6.37
CA ASP C 41 7.09 30.53 5.79
C ASP C 41 5.60 30.81 6.03
N SER C 42 4.77 29.96 5.41
CA SER C 42 3.33 30.05 5.53
C SER C 42 2.84 29.62 6.91
N SER C 43 3.61 28.79 7.62
CA SER C 43 3.28 28.45 8.99
C SER C 43 3.68 29.53 9.98
N HIS C 44 4.48 30.51 9.54
CA HIS C 44 4.87 31.73 10.28
C HIS C 44 5.61 31.39 11.58
N VAL C 45 6.54 30.44 11.48
CA VAL C 45 7.19 29.88 12.66
C VAL C 45 8.70 29.96 12.47
N SER C 46 9.16 30.08 11.22
CA SER C 46 10.57 29.96 10.91
C SER C 46 11.02 30.95 9.85
N LEU C 47 12.18 31.54 10.06
CA LEU C 47 12.74 32.53 9.15
C LEU C 47 13.85 31.90 8.31
N VAL C 48 13.90 32.29 7.04
CA VAL C 48 14.90 31.80 6.11
C VAL C 48 15.70 32.99 5.61
N GLN C 49 17.02 32.95 5.80
CA GLN C 49 17.90 34.01 5.33
C GLN C 49 18.75 33.45 4.20
N LEU C 50 18.57 34.00 3.00
CA LEU C 50 19.38 33.63 1.84
C LEU C 50 20.32 34.78 1.54
N THR C 51 21.61 34.47 1.46
CA THR C 51 22.62 35.44 1.06
C THR C 51 23.34 34.88 -0.16
N LEU C 52 23.24 35.60 -1.27
CA LEU C 52 23.92 35.21 -2.50
C LEU C 52 24.79 36.41 -2.89
N ARG C 53 26.10 36.28 -2.67
CA ARG C 53 27.01 37.40 -2.89
C ARG C 53 27.22 37.64 -4.38
N SER C 54 27.54 38.89 -4.72
CA SER C 54 27.75 39.24 -6.13
C SER C 54 29.09 38.75 -6.64
N GLU C 55 30.02 38.42 -5.75
CA GLU C 55 31.30 37.86 -6.18
C GLU C 55 31.15 36.43 -6.67
N GLY C 56 30.19 35.68 -6.12
CA GLY C 56 29.94 34.34 -6.58
C GLY C 56 29.20 34.27 -7.91
N PHE C 57 28.48 35.31 -8.27
CA PHE C 57 27.87 35.39 -9.60
C PHE C 57 28.94 35.61 -10.65
N ASP C 58 28.76 34.99 -11.82
CA ASP C 58 29.74 35.13 -12.88
C ASP C 58 29.64 36.50 -13.55
N THR C 59 28.41 36.97 -13.78
CA THR C 59 28.19 38.29 -14.38
C THR C 59 27.00 38.91 -13.66
N TYR C 60 27.27 39.82 -12.73
CA TYR C 60 26.24 40.47 -11.93
C TYR C 60 26.17 41.94 -12.29
N ARG C 61 24.94 42.45 -12.41
CA ARG C 61 24.71 43.86 -12.73
C ARG C 61 23.34 44.25 -12.19
N CYS C 62 23.32 45.18 -11.24
CA CYS C 62 22.07 45.71 -10.72
C CYS C 62 22.33 47.12 -10.20
N ASP C 63 21.41 48.04 -10.50
CA ASP C 63 21.62 49.43 -10.14
C ASP C 63 20.45 50.05 -9.38
N ARG C 64 19.22 49.59 -9.66
CA ARG C 64 18.04 50.14 -9.01
C ARG C 64 17.83 49.53 -7.64
N ASN C 65 18.42 48.35 -7.37
CA ASN C 65 18.22 47.51 -6.17
C ASN C 65 16.74 47.18 -5.97
N LEU C 66 16.24 46.34 -6.89
CA LEU C 66 14.82 46.01 -6.98
C LEU C 66 14.37 45.15 -5.81
N ALA C 67 13.05 45.06 -5.65
CA ALA C 67 12.41 44.41 -4.52
C ALA C 67 11.27 43.52 -4.98
N MET C 68 11.56 42.62 -5.93
CA MET C 68 10.52 41.79 -6.53
C MET C 68 9.99 40.74 -5.57
N GLY C 69 8.74 40.34 -5.81
CA GLY C 69 8.10 39.29 -5.05
C GLY C 69 7.77 38.12 -5.95
N VAL C 70 8.33 36.95 -5.64
CA VAL C 70 8.33 35.82 -6.56
C VAL C 70 7.54 34.67 -5.93
N ASN C 71 6.58 34.13 -6.68
CA ASN C 71 5.92 32.88 -6.30
C ASN C 71 6.93 31.75 -6.37
N LEU C 72 7.17 31.09 -5.24
CA LEU C 72 8.41 30.34 -5.12
C LEU C 72 8.29 28.90 -5.59
N THR C 73 7.10 28.30 -5.51
CA THR C 73 6.93 26.94 -6.02
C THR C 73 6.95 26.91 -7.54
N SER C 74 6.36 27.93 -8.16
CA SER C 74 6.35 28.04 -9.63
C SER C 74 7.74 28.33 -10.18
N MET C 75 8.51 29.16 -9.47
CA MET C 75 9.84 29.48 -9.96
C MET C 75 10.81 28.37 -9.63
N SER C 76 10.50 27.53 -8.63
CA SER C 76 11.20 26.27 -8.47
C SER C 76 10.84 25.27 -9.55
N LYS C 77 9.62 25.32 -10.08
CA LYS C 77 9.27 24.49 -11.24
C LYS C 77 10.02 24.95 -12.48
N ILE C 78 10.24 26.25 -12.62
CA ILE C 78 11.03 26.78 -13.73
C ILE C 78 12.52 26.41 -13.57
N LEU C 79 13.04 26.36 -12.34
CA LEU C 79 14.36 25.75 -12.13
C LEU C 79 14.35 24.24 -12.34
N LYS C 80 13.20 23.57 -12.14
CA LYS C 80 13.12 22.16 -12.50
C LYS C 80 13.10 21.97 -14.02
N CYS C 81 12.69 23.00 -14.77
CA CYS C 81 12.88 22.97 -16.22
C CYS C 81 14.34 23.11 -16.62
N ALA C 82 15.18 23.72 -15.78
CA ALA C 82 16.59 23.85 -16.12
C ALA C 82 17.31 22.52 -15.96
N GLY C 83 18.41 22.37 -16.69
CA GLY C 83 19.30 21.25 -16.50
C GLY C 83 20.25 21.48 -15.34
N ASN C 84 21.04 20.47 -15.05
CA ASN C 84 21.91 20.51 -13.88
C ASN C 84 23.23 21.21 -14.12
N GLU C 85 23.51 21.64 -15.36
CA GLU C 85 24.75 22.35 -15.66
C GLU C 85 24.52 23.59 -16.51
N ASP C 86 23.30 24.11 -16.54
CA ASP C 86 23.00 25.26 -17.40
C ASP C 86 23.56 26.56 -16.82
N ILE C 87 24.09 27.39 -17.70
CA ILE C 87 24.58 28.72 -17.33
C ILE C 87 23.35 29.62 -17.21
N ILE C 88 22.83 29.77 -16.00
CA ILE C 88 21.54 30.41 -15.77
C ILE C 88 21.74 31.91 -15.68
N THR C 89 21.04 32.65 -16.53
CA THR C 89 21.12 34.11 -16.58
C THR C 89 19.77 34.67 -16.12
N LEU C 90 19.71 35.08 -14.86
CA LEU C 90 18.55 35.82 -14.37
C LEU C 90 18.53 37.22 -14.98
N ARG C 91 17.35 37.71 -15.29
CA ARG C 91 17.22 39.04 -15.89
C ARG C 91 15.90 39.65 -15.45
N ALA C 92 15.91 40.97 -15.28
CA ALA C 92 14.71 41.71 -14.90
C ALA C 92 14.86 43.14 -15.39
N GLU C 93 13.95 43.58 -16.25
CA GLU C 93 13.95 44.96 -16.69
C GLU C 93 13.41 45.87 -15.60
N ASP C 94 13.91 47.11 -15.57
CA ASP C 94 13.63 48.02 -14.47
C ASP C 94 12.27 48.69 -14.58
N ASN C 95 11.55 48.52 -15.69
CA ASN C 95 10.21 49.07 -15.85
C ASN C 95 9.11 48.04 -15.73
N ALA C 96 9.38 46.78 -16.09
CA ALA C 96 8.38 45.73 -16.08
C ALA C 96 8.60 44.78 -14.89
N ASP C 97 7.52 44.11 -14.48
CA ASP C 97 7.59 43.10 -13.42
C ASP C 97 7.80 41.71 -13.98
N THR C 98 8.81 41.54 -14.82
CA THR C 98 9.13 40.27 -15.45
C THR C 98 10.47 39.78 -14.96
N LEU C 99 10.52 38.55 -14.46
CA LEU C 99 11.77 37.90 -14.07
C LEU C 99 12.15 36.95 -15.19
N ALA C 100 13.01 37.41 -16.10
CA ALA C 100 13.46 36.57 -17.20
C ALA C 100 14.55 35.63 -16.73
N LEU C 101 14.46 34.37 -17.15
CA LEU C 101 15.47 33.37 -16.84
C LEU C 101 15.94 32.76 -18.14
N VAL C 102 17.24 32.84 -18.41
CA VAL C 102 17.83 32.30 -19.63
C VAL C 102 18.74 31.15 -19.21
N PHE C 103 18.39 29.94 -19.63
CA PHE C 103 19.19 28.76 -19.33
C PHE C 103 19.99 28.41 -20.58
N GLU C 104 21.32 28.36 -20.44
CA GLU C 104 22.20 28.05 -21.55
C GLU C 104 23.11 26.90 -21.14
N ALA C 105 23.07 25.82 -21.90
CA ALA C 105 24.02 24.75 -21.68
C ALA C 105 25.39 25.17 -22.22
N PRO C 106 26.50 24.81 -21.54
CA PRO C 106 27.82 25.29 -21.97
C PRO C 106 28.35 24.59 -23.22
N ASN C 107 27.99 23.34 -23.46
CA ASN C 107 28.36 22.63 -24.68
C ASN C 107 27.19 22.45 -25.63
N GLN C 108 26.04 22.06 -25.10
CA GLN C 108 24.86 21.83 -25.92
C GLN C 108 24.23 23.18 -26.29
N GLU C 109 23.55 23.20 -27.44
CA GLU C 109 23.13 24.44 -28.06
C GLU C 109 21.76 24.93 -27.61
N LYS C 110 21.13 24.27 -26.63
CA LYS C 110 19.78 24.62 -26.22
C LYS C 110 19.82 25.86 -25.33
N VAL C 111 19.29 26.97 -25.82
CA VAL C 111 19.15 28.21 -25.06
C VAL C 111 17.65 28.41 -24.82
N SER C 112 17.24 28.38 -23.56
CA SER C 112 15.83 28.45 -23.22
C SER C 112 15.55 29.67 -22.35
N ASP C 113 14.53 30.44 -22.75
CA ASP C 113 14.17 31.69 -22.09
C ASP C 113 12.86 31.51 -21.33
N TYR C 114 12.83 31.97 -20.09
CA TYR C 114 11.65 31.80 -19.23
C TYR C 114 11.34 33.14 -18.56
N GLU C 115 10.30 33.81 -19.02
CA GLU C 115 9.82 34.99 -18.31
C GLU C 115 8.84 34.58 -17.22
N MET C 116 8.53 35.53 -16.34
CA MET C 116 7.64 35.27 -15.21
C MET C 116 6.74 36.46 -14.97
N LYS C 117 5.56 36.18 -14.42
CA LYS C 117 4.75 37.21 -13.80
C LYS C 117 5.02 37.24 -12.30
N LEU C 118 5.29 38.43 -11.77
CA LEU C 118 5.61 38.60 -10.35
C LEU C 118 4.54 39.48 -9.72
N MET C 119 3.95 39.02 -8.63
CA MET C 119 2.98 39.82 -7.92
C MET C 119 3.69 40.85 -7.04
N ASP C 120 2.93 41.87 -6.65
CA ASP C 120 3.45 42.90 -5.76
C ASP C 120 3.51 42.35 -4.34
N LEU C 121 4.68 42.45 -3.71
CA LEU C 121 4.88 41.95 -2.35
C LEU C 121 5.61 43.01 -1.55
N ASP C 122 4.88 43.70 -0.68
CA ASP C 122 5.49 44.60 0.30
C ASP C 122 5.35 43.91 1.66
N VAL C 123 6.31 43.03 1.94
CA VAL C 123 6.37 42.30 3.21
C VAL C 123 7.61 42.78 3.95
N GLU C 124 7.43 43.12 5.23
CA GLU C 124 8.48 43.74 6.02
C GLU C 124 9.58 42.74 6.35
N GLN C 125 10.75 43.28 6.71
CA GLN C 125 11.90 42.47 7.05
C GLN C 125 11.98 42.33 8.57
N LEU C 126 12.50 41.18 9.00
CA LEU C 126 12.70 40.87 10.42
C LEU C 126 14.17 40.56 10.59
N GLY C 127 14.97 41.60 10.79
CA GLY C 127 16.41 41.45 10.84
C GLY C 127 16.84 40.86 12.17
N ILE C 128 17.51 39.71 12.12
CA ILE C 128 18.02 39.07 13.35
C ILE C 128 19.22 39.87 13.86
N PRO C 129 19.42 39.98 15.16
CA PRO C 129 20.67 40.55 15.67
C PRO C 129 21.81 39.55 15.54
N GLU C 130 23.03 40.07 15.70
CA GLU C 130 24.23 39.26 15.69
C GLU C 130 24.72 39.07 17.12
N GLN C 131 24.92 37.82 17.51
CA GLN C 131 25.34 37.50 18.87
C GLN C 131 26.22 36.27 18.86
N GLU C 132 26.98 36.11 19.95
CA GLU C 132 27.80 34.92 20.12
C GLU C 132 26.93 33.73 20.48
N TYR C 133 27.10 32.62 19.76
CA TYR C 133 26.30 31.43 19.95
C TYR C 133 27.09 30.42 20.76
N SER C 134 26.37 29.60 21.54
CA SER C 134 27.03 28.68 22.47
C SER C 134 27.61 27.47 21.74
N CYS C 135 26.75 26.67 21.12
CA CYS C 135 27.19 25.52 20.35
C CYS C 135 27.14 25.91 18.88
N VAL C 136 28.31 25.97 18.24
CA VAL C 136 28.47 26.46 16.87
C VAL C 136 28.98 25.19 16.17
N VAL C 137 28.30 24.07 16.46
CA VAL C 137 28.67 22.77 15.91
C VAL C 137 28.57 22.75 14.38
N LYS C 138 29.64 22.26 13.74
CA LYS C 138 29.75 22.15 12.30
C LYS C 138 29.89 20.68 11.96
N MET C 139 28.86 20.12 11.35
CA MET C 139 28.70 18.70 11.09
C MET C 139 28.31 18.53 9.64
N PRO C 140 28.52 17.34 9.05
CA PRO C 140 28.16 17.15 7.63
C PRO C 140 26.66 17.22 7.36
N SER C 141 26.34 17.65 6.15
CA SER C 141 24.94 17.87 5.77
C SER C 141 24.23 16.55 5.52
N GLY C 142 24.93 15.57 4.95
CA GLY C 142 24.37 14.24 4.83
C GLY C 142 24.15 13.57 6.16
N GLU C 143 25.04 13.84 7.12
CA GLU C 143 24.87 13.35 8.50
C GLU C 143 23.67 14.00 9.17
N PHE C 144 23.46 15.30 8.95
CA PHE C 144 22.32 15.98 9.58
C PHE C 144 21.00 15.58 8.92
N ALA C 145 21.01 15.36 7.61
CA ALA C 145 19.83 14.84 6.92
C ALA C 145 19.51 13.43 7.35
N ARG C 146 20.54 12.60 7.56
CA ARG C 146 20.37 11.25 8.07
C ARG C 146 19.81 11.26 9.48
N ILE C 147 20.30 12.18 10.34
CA ILE C 147 19.84 12.27 11.73
C ILE C 147 18.40 12.77 11.81
N CYS C 148 18.03 13.76 10.99
CA CYS C 148 16.66 14.26 11.00
C CYS C 148 15.68 13.26 10.40
N ARG C 149 16.09 12.53 9.36
CA ARG C 149 15.23 11.47 8.83
C ARG C 149 15.21 10.24 9.73
N ASP C 150 16.22 10.07 10.58
CA ASP C 150 16.20 9.03 11.60
C ASP C 150 15.17 9.36 12.67
N LEU C 151 15.34 10.51 13.32
CA LEU C 151 14.52 10.88 14.47
C LEU C 151 13.11 11.32 14.08
N SER C 152 12.85 11.60 12.80
CA SER C 152 11.51 11.94 12.38
C SER C 152 10.56 10.75 12.41
N HIS C 153 11.09 9.52 12.38
CA HIS C 153 10.27 8.34 12.62
C HIS C 153 9.88 8.20 14.09
N ILE C 154 10.63 8.82 14.99
CA ILE C 154 10.34 8.68 16.42
C ILE C 154 9.18 9.58 16.81
N GLY C 155 9.32 10.88 16.59
CA GLY C 155 8.30 11.83 16.93
C GLY C 155 8.58 13.17 16.28
N ASP C 156 7.83 14.18 16.72
CA ASP C 156 7.96 15.53 16.20
C ASP C 156 8.73 16.44 17.14
N ALA C 157 9.71 15.90 17.86
CA ALA C 157 10.45 16.68 18.84
C ALA C 157 11.84 16.10 18.99
N VAL C 158 12.86 16.95 18.84
CA VAL C 158 14.24 16.54 19.07
C VAL C 158 14.84 17.45 20.15
N VAL C 159 15.51 16.86 21.14
CA VAL C 159 16.30 17.64 22.09
C VAL C 159 17.78 17.47 21.73
N ILE C 160 18.46 18.59 21.56
CA ILE C 160 19.83 18.61 21.07
C ILE C 160 20.73 19.10 22.20
N SER C 161 21.65 18.25 22.64
CA SER C 161 22.54 18.56 23.74
C SER C 161 23.97 18.66 23.23
N CYS C 162 24.68 19.70 23.67
CA CYS C 162 26.08 19.88 23.33
C CYS C 162 26.92 19.78 24.60
N ALA C 163 28.05 19.08 24.49
CA ALA C 163 28.94 18.89 25.62
C ALA C 163 30.36 18.77 25.08
N LYS C 164 31.28 18.29 25.93
CA LYS C 164 32.68 18.16 25.54
C LYS C 164 32.90 16.99 24.58
N ASP C 165 32.12 15.91 24.72
CA ASP C 165 32.31 14.74 23.88
C ASP C 165 31.77 14.97 22.48
N GLY C 166 30.65 15.67 22.36
CA GLY C 166 30.08 15.94 21.07
C GLY C 166 28.60 16.28 21.20
N VAL C 167 28.00 16.53 20.04
CA VAL C 167 26.59 16.88 19.97
C VAL C 167 25.76 15.61 20.15
N LYS C 168 24.62 15.73 20.82
CA LYS C 168 23.78 14.57 21.15
C LYS C 168 22.34 14.88 20.77
N PHE C 169 21.92 14.37 19.62
CA PHE C 169 20.53 14.48 19.21
C PHE C 169 19.72 13.38 19.88
N SER C 170 18.49 13.70 20.26
CA SER C 170 17.67 12.75 20.98
C SER C 170 16.20 13.04 20.72
N ALA C 171 15.43 12.01 20.42
CA ALA C 171 14.00 12.16 20.18
C ALA C 171 13.23 11.12 20.97
N SER C 172 12.05 11.50 21.43
CA SER C 172 11.18 10.63 22.18
C SER C 172 9.78 10.66 21.60
N GLY C 173 9.10 9.52 21.65
CA GLY C 173 7.78 9.43 21.10
C GLY C 173 7.07 8.17 21.58
N GLU C 174 5.89 7.94 21.03
CA GLU C 174 5.09 6.77 21.39
C GLU C 174 5.62 5.48 20.80
N LEU C 175 6.53 5.56 19.84
CA LEU C 175 7.12 4.39 19.22
C LEU C 175 8.39 3.92 19.93
N GLY C 176 9.15 4.86 20.48
CA GLY C 176 10.38 4.52 21.17
C GLY C 176 11.10 5.73 21.73
N ASN C 177 12.43 5.70 21.71
CA ASN C 177 13.23 6.80 22.23
C ASN C 177 14.55 6.82 21.47
N GLY C 178 14.70 7.77 20.56
CA GLY C 178 15.96 7.91 19.85
C GLY C 178 16.98 8.70 20.64
N ASN C 179 18.25 8.39 20.40
CA ASN C 179 19.36 9.08 21.05
C ASN C 179 20.57 8.93 20.14
N ILE C 180 20.86 9.96 19.35
CA ILE C 180 21.97 9.93 18.42
C ILE C 180 23.08 10.80 18.99
N LYS C 181 24.17 10.16 19.39
CA LYS C 181 25.30 10.86 20.00
C LYS C 181 26.47 10.84 19.03
N LEU C 182 26.88 12.03 18.58
CA LEU C 182 28.03 12.16 17.70
C LEU C 182 29.29 12.37 18.54
N SER C 183 30.38 12.73 17.88
CA SER C 183 31.65 12.91 18.57
C SER C 183 32.44 14.01 17.89
N GLN C 184 33.34 14.63 18.66
CA GLN C 184 34.24 15.63 18.12
C GLN C 184 35.31 14.94 17.27
N THR C 185 35.44 15.38 16.02
CA THR C 185 36.41 14.80 15.10
C THR C 185 37.53 15.80 14.88
N SER C 186 38.76 15.37 15.16
CA SER C 186 39.95 16.17 14.97
C SER C 186 40.91 15.51 13.99
N ASN C 187 40.35 14.78 13.03
CA ASN C 187 41.16 14.05 12.05
C ASN C 187 41.74 14.99 11.01
N VAL C 188 42.86 14.56 10.42
CA VAL C 188 43.55 15.36 9.42
C VAL C 188 43.29 14.83 8.01
N ASP C 189 42.81 13.60 7.87
CA ASP C 189 42.65 12.96 6.57
C ASP C 189 41.46 13.47 5.78
N LYS C 190 40.56 14.23 6.41
CA LYS C 190 39.40 14.91 5.82
C LYS C 190 38.44 13.93 5.14
N GLU C 191 37.84 13.09 5.99
CA GLU C 191 36.92 12.05 5.57
C GLU C 191 35.52 12.64 5.37
N GLU C 192 34.52 11.75 5.25
CA GLU C 192 33.15 12.19 5.03
C GLU C 192 32.54 12.81 6.28
N GLU C 193 33.02 12.44 7.46
CA GLU C 193 32.55 13.00 8.72
C GLU C 193 33.54 14.06 9.21
N ALA C 194 33.04 15.27 9.45
CA ALA C 194 33.88 16.38 9.90
C ALA C 194 33.18 17.13 11.03
N VAL C 195 32.71 16.40 12.03
CA VAL C 195 31.94 16.99 13.13
C VAL C 195 32.90 17.73 14.06
N THR C 196 32.80 19.06 14.07
CA THR C 196 33.62 19.90 14.93
C THR C 196 32.73 20.59 15.96
N ILE C 197 33.22 20.68 17.19
CA ILE C 197 32.50 21.28 18.30
C ILE C 197 33.17 22.61 18.61
N GLU C 198 32.36 23.63 18.92
CA GLU C 198 32.85 24.97 19.23
C GLU C 198 32.35 25.34 20.62
N MET C 199 32.70 24.47 21.58
CA MET C 199 31.94 24.27 22.80
C MET C 199 32.06 25.46 23.74
N ASN C 200 30.91 26.03 24.16
CA ASN C 200 30.98 27.17 25.07
C ASN C 200 30.16 27.00 26.35
N GLU C 201 28.94 26.47 26.24
CA GLU C 201 28.04 26.36 27.39
C GLU C 201 27.04 25.25 27.12
N PRO C 202 26.79 24.36 28.09
CA PRO C 202 25.81 23.27 27.92
C PRO C 202 24.40 23.79 27.62
N VAL C 203 23.88 23.41 26.46
CA VAL C 203 22.56 23.83 26.01
C VAL C 203 21.74 22.59 25.69
N GLN C 204 20.42 22.73 25.81
CA GLN C 204 19.50 21.62 25.52
C GLN C 204 18.16 22.23 25.14
N LEU C 205 17.78 22.09 23.88
CA LEU C 205 16.64 22.81 23.33
C LEU C 205 15.77 21.86 22.51
N THR C 206 14.46 22.11 22.52
CA THR C 206 13.50 21.27 21.84
C THR C 206 13.10 21.89 20.51
N PHE C 207 13.25 21.14 19.42
CA PHE C 207 12.88 21.60 18.09
C PHE C 207 11.97 20.57 17.42
N ALA C 208 11.10 21.07 16.55
CA ALA C 208 10.22 20.19 15.78
C ALA C 208 11.01 19.47 14.69
N LEU C 209 10.61 18.24 14.39
CA LEU C 209 11.34 17.40 13.45
C LEU C 209 10.71 17.37 12.06
N ARG C 210 9.40 17.60 11.96
CA ARG C 210 8.77 17.80 10.66
C ARG C 210 9.31 19.05 9.99
N TYR C 211 9.37 20.14 10.78
CA TYR C 211 9.94 21.41 10.33
C TYR C 211 11.41 21.24 9.97
N LEU C 212 12.16 20.52 10.81
CA LEU C 212 13.58 20.24 10.54
C LEU C 212 13.79 19.32 9.34
N ASN C 213 12.80 18.50 8.96
CA ASN C 213 12.87 17.80 7.68
C ASN C 213 12.76 18.77 6.51
N PHE C 214 11.83 19.75 6.61
CA PHE C 214 11.85 20.83 5.61
C PHE C 214 13.11 21.69 5.68
N PHE C 215 13.76 21.75 6.84
CA PHE C 215 14.99 22.50 6.95
C PHE C 215 16.15 21.78 6.27
N THR C 216 16.25 20.46 6.45
CA THR C 216 17.33 19.68 5.89
C THR C 216 17.03 19.16 4.49
N LYS C 217 15.93 19.64 3.87
CA LYS C 217 15.78 19.53 2.41
C LYS C 217 16.86 20.26 1.61
N ALA C 218 17.62 21.19 2.21
CA ALA C 218 18.73 21.93 1.62
C ALA C 218 20.05 21.17 1.58
N THR C 219 20.04 19.84 1.68
CA THR C 219 21.26 19.04 1.83
C THR C 219 22.32 19.15 0.72
N PRO C 220 22.03 19.09 -0.59
CA PRO C 220 23.13 19.13 -1.55
C PRO C 220 23.68 20.53 -1.88
N LEU C 221 23.35 21.56 -1.11
CA LEU C 221 24.03 22.85 -1.26
C LEU C 221 25.47 22.77 -0.79
N SER C 222 25.69 22.21 0.39
CA SER C 222 27.01 22.16 0.99
C SER C 222 27.27 20.77 1.54
N SER C 223 28.54 20.43 1.68
CA SER C 223 28.89 19.18 2.36
C SER C 223 28.68 19.28 3.87
N THR C 224 28.80 20.48 4.43
CA THR C 224 28.75 20.68 5.87
C THR C 224 27.77 21.80 6.21
N VAL C 225 27.13 21.67 7.37
CA VAL C 225 26.24 22.69 7.90
C VAL C 225 26.92 23.33 9.11
N THR C 226 26.30 24.40 9.62
CA THR C 226 26.78 25.06 10.83
C THR C 226 25.57 25.34 11.72
N LEU C 227 25.24 24.37 12.58
CA LEU C 227 24.24 24.61 13.62
C LEU C 227 24.86 25.48 14.69
N SER C 228 24.65 26.78 14.59
CA SER C 228 25.06 27.72 15.63
C SER C 228 23.83 28.04 16.48
N MET C 229 23.94 27.82 17.79
CA MET C 229 22.79 27.97 18.67
C MET C 229 23.25 28.29 20.09
N SER C 230 22.33 28.86 20.86
CA SER C 230 22.53 29.08 22.29
C SER C 230 21.22 28.78 22.99
N ALA C 231 21.12 29.18 24.26
CA ALA C 231 20.10 28.65 25.16
C ALA C 231 18.70 29.18 24.91
N ASP C 232 18.56 30.44 24.48
CA ASP C 232 17.24 31.04 24.31
C ASP C 232 16.96 31.56 22.91
N VAL C 233 18.00 31.87 22.14
CA VAL C 233 17.86 32.39 20.78
C VAL C 233 17.44 31.25 19.86
N PRO C 234 16.83 31.52 18.70
CA PRO C 234 16.52 30.44 17.75
C PRO C 234 17.75 29.80 17.13
N LEU C 235 17.57 28.55 16.71
CA LEU C 235 18.64 27.77 16.11
C LEU C 235 18.98 28.28 14.72
N VAL C 236 20.26 28.46 14.45
CA VAL C 236 20.72 28.96 13.15
C VAL C 236 21.39 27.81 12.42
N VAL C 237 20.79 27.39 11.32
CA VAL C 237 21.33 26.32 10.48
C VAL C 237 21.90 26.99 9.25
N GLU C 238 23.23 27.08 9.16
CA GLU C 238 23.89 27.81 8.10
C GLU C 238 24.40 26.84 7.04
N TYR C 239 24.01 27.08 5.80
CA TYR C 239 24.40 26.28 4.65
C TYR C 239 25.40 27.09 3.84
N LYS C 240 26.69 26.92 4.16
CA LYS C 240 27.75 27.70 3.56
C LYS C 240 27.99 27.19 2.14
N ILE C 241 27.44 27.90 1.15
CA ILE C 241 27.71 27.61 -0.24
C ILE C 241 29.16 28.00 -0.55
N ALA C 242 29.82 27.22 -1.40
CA ALA C 242 31.25 27.36 -1.66
C ALA C 242 31.51 28.63 -2.46
N ASP C 243 31.92 29.69 -1.73
CA ASP C 243 32.39 30.98 -2.25
C ASP C 243 31.32 31.70 -3.08
N MET C 244 30.06 31.51 -2.70
CA MET C 244 28.96 31.96 -3.55
C MET C 244 28.01 32.72 -2.64
N GLY C 245 27.98 32.34 -1.37
CA GLY C 245 27.10 32.93 -0.38
C GLY C 245 26.79 31.91 0.70
N HIS C 246 25.67 32.14 1.40
CA HIS C 246 25.23 31.18 2.40
C HIS C 246 23.70 31.23 2.54
N LEU C 247 23.14 30.13 3.03
CA LEU C 247 21.71 30.02 3.29
C LEU C 247 21.53 29.78 4.79
N LYS C 248 21.14 30.82 5.52
CA LYS C 248 20.92 30.71 6.95
C LYS C 248 19.45 30.38 7.23
N TYR C 249 19.25 29.43 8.13
CA TYR C 249 17.93 28.93 8.47
C TYR C 249 17.65 29.14 9.95
N TYR C 250 16.53 29.76 10.28
CA TYR C 250 16.23 30.11 11.65
C TYR C 250 15.02 29.32 12.12
N LEU C 251 15.11 28.72 13.30
CA LEU C 251 14.01 27.95 13.90
C LEU C 251 13.94 28.24 15.38
N ALA C 252 12.79 28.77 15.82
CA ALA C 252 12.58 29.03 17.23
C ALA C 252 12.38 27.72 17.99
N PRO C 253 12.95 27.58 19.18
CA PRO C 253 12.79 26.33 19.94
C PRO C 253 11.40 26.18 20.53
N LYS C 254 11.07 24.92 20.82
CA LYS C 254 9.78 24.59 21.41
C LYS C 254 9.82 24.71 22.93
N PHE D 2 0.93 -17.86 -37.10
CA PHE D 2 1.66 -16.65 -36.70
C PHE D 2 2.75 -16.98 -35.68
N GLU D 3 4.00 -16.79 -36.08
CA GLU D 3 5.14 -16.94 -35.17
C GLU D 3 6.10 -15.79 -35.44
N ALA D 4 6.21 -14.86 -34.50
CA ALA D 4 7.05 -13.67 -34.65
C ALA D 4 8.08 -13.65 -33.54
N ARG D 5 9.22 -14.29 -33.78
CA ARG D 5 10.31 -14.26 -32.83
C ARG D 5 10.99 -12.89 -32.86
N LEU D 6 11.43 -12.43 -31.70
CA LEU D 6 12.07 -11.14 -31.55
C LEU D 6 13.18 -11.26 -30.51
N VAL D 7 14.43 -11.13 -30.96
CA VAL D 7 15.55 -11.22 -30.04
C VAL D 7 15.63 -10.00 -29.14
N GLN D 8 15.40 -8.81 -29.71
CA GLN D 8 15.35 -7.59 -28.91
C GLN D 8 13.90 -7.34 -28.50
N GLY D 9 13.47 -8.09 -27.49
CA GLY D 9 12.11 -7.95 -26.98
C GLY D 9 11.88 -6.72 -26.13
N SER D 10 12.96 -6.03 -25.73
CA SER D 10 12.85 -4.75 -25.07
C SER D 10 12.30 -3.68 -26.00
N ILE D 11 12.47 -3.84 -27.31
CA ILE D 11 11.86 -2.94 -28.29
C ILE D 11 10.34 -3.04 -28.23
N LEU D 12 9.81 -4.26 -28.19
CA LEU D 12 8.36 -4.47 -28.07
C LEU D 12 7.84 -4.05 -26.70
N LYS D 13 8.64 -4.24 -25.66
CA LYS D 13 8.28 -3.77 -24.32
C LYS D 13 8.22 -2.25 -24.26
N LYS D 14 9.14 -1.56 -24.95
CA LYS D 14 9.11 -0.11 -24.97
C LYS D 14 7.98 0.42 -25.85
N VAL D 15 7.59 -0.32 -26.90
CA VAL D 15 6.40 0.00 -27.68
C VAL D 15 5.14 -0.08 -26.81
N LEU D 16 5.04 -1.13 -26.00
CA LEU D 16 3.86 -1.26 -25.13
C LEU D 16 3.88 -0.27 -23.97
N GLU D 17 5.06 0.11 -23.48
CA GLU D 17 5.16 1.17 -22.48
C GLU D 17 4.81 2.52 -23.09
N ALA D 18 5.12 2.73 -24.37
CA ALA D 18 4.80 3.99 -25.03
C ALA D 18 3.31 4.07 -25.36
N LEU D 19 2.68 2.95 -25.66
CA LEU D 19 1.30 2.93 -26.10
C LEU D 19 0.31 2.59 -25.00
N LYS D 20 0.77 2.28 -23.78
CA LYS D 20 -0.18 1.89 -22.73
C LYS D 20 -0.95 3.08 -22.14
N ASP D 21 -0.42 4.29 -22.23
CA ASP D 21 -1.05 5.44 -21.58
C ASP D 21 -1.96 6.22 -22.51
N LEU D 22 -1.96 5.91 -23.79
CA LEU D 22 -2.66 6.71 -24.78
C LEU D 22 -3.70 5.92 -25.55
N ILE D 23 -3.43 4.65 -25.86
CA ILE D 23 -4.42 3.74 -26.41
C ILE D 23 -4.67 2.63 -25.39
N ASN D 24 -5.92 2.46 -24.99
CA ASN D 24 -6.23 1.34 -24.11
C ASN D 24 -6.56 0.06 -24.86
N GLU D 25 -7.34 0.15 -25.95
CA GLU D 25 -7.70 -1.00 -26.76
C GLU D 25 -7.31 -0.71 -28.20
N ALA D 26 -6.51 -1.59 -28.79
CA ALA D 26 -5.96 -1.36 -30.12
C ALA D 26 -6.12 -2.60 -30.98
N CYS D 27 -6.26 -2.38 -32.28
CA CYS D 27 -6.28 -3.44 -33.27
C CYS D 27 -4.87 -3.63 -33.83
N TRP D 28 -4.45 -4.87 -33.97
CA TRP D 28 -3.08 -5.18 -34.38
C TRP D 28 -3.17 -5.82 -35.77
N ASP D 29 -3.02 -5.00 -36.80
CA ASP D 29 -3.18 -5.44 -38.20
C ASP D 29 -1.95 -6.24 -38.61
N ILE D 30 -1.98 -7.52 -38.29
CA ILE D 30 -0.84 -8.40 -38.57
C ILE D 30 -0.89 -8.80 -40.04
N SER D 31 0.05 -8.29 -40.81
CA SER D 31 0.19 -8.64 -42.22
C SER D 31 1.37 -9.59 -42.39
N SER D 32 1.56 -10.06 -43.62
CA SER D 32 2.74 -10.86 -43.92
C SER D 32 4.00 -10.00 -44.01
N SER D 33 3.86 -8.71 -44.29
CA SER D 33 5.00 -7.81 -44.33
C SER D 33 5.51 -7.46 -42.94
N GLY D 34 4.66 -7.54 -41.92
CA GLY D 34 5.09 -7.28 -40.56
C GLY D 34 3.93 -6.82 -39.71
N VAL D 35 4.26 -6.52 -38.45
CA VAL D 35 3.29 -6.05 -37.48
C VAL D 35 2.94 -4.59 -37.78
N ASN D 36 1.65 -4.29 -37.93
CA ASN D 36 1.21 -2.98 -38.31
C ASN D 36 0.06 -2.57 -37.39
N LEU D 37 -0.07 -1.28 -37.16
CA LEU D 37 -1.09 -0.76 -36.23
C LEU D 37 -1.38 0.69 -36.61
N GLN D 38 -2.64 0.99 -36.92
CA GLN D 38 -3.07 2.38 -37.07
C GLN D 38 -4.19 2.71 -36.10
N SER D 39 -4.00 2.37 -34.82
CA SER D 39 -5.04 2.61 -33.85
C SER D 39 -5.07 4.08 -33.43
N MET D 40 -6.10 4.44 -32.69
CA MET D 40 -6.35 5.82 -32.33
C MET D 40 -6.64 5.85 -30.83
N ASP D 41 -6.49 7.03 -30.22
CA ASP D 41 -6.40 7.15 -28.77
C ASP D 41 -7.75 6.96 -28.08
N SER D 42 -7.73 7.05 -26.75
CA SER D 42 -8.96 6.93 -25.96
C SER D 42 -9.85 8.15 -26.12
N SER D 43 -9.26 9.30 -26.39
CA SER D 43 -9.99 10.50 -26.79
C SER D 43 -10.14 10.49 -28.32
N HIS D 44 -10.47 11.63 -28.91
CA HIS D 44 -10.56 11.68 -30.36
C HIS D 44 -9.62 12.72 -30.94
N VAL D 45 -8.37 12.75 -30.47
CA VAL D 45 -7.41 13.81 -30.81
C VAL D 45 -6.24 13.25 -31.65
N SER D 46 -5.56 12.24 -31.14
CA SER D 46 -4.26 11.83 -31.67
C SER D 46 -4.34 10.47 -32.35
N LEU D 47 -3.59 10.30 -33.43
CA LEU D 47 -3.50 9.05 -34.16
C LEU D 47 -2.12 8.45 -33.99
N VAL D 48 -2.07 7.12 -33.85
CA VAL D 48 -0.81 6.39 -33.68
C VAL D 48 -0.67 5.43 -34.84
N GLN D 49 0.44 5.54 -35.57
CA GLN D 49 0.73 4.64 -36.67
C GLN D 49 1.97 3.85 -36.30
N LEU D 50 1.76 2.66 -35.76
CA LEU D 50 2.86 1.79 -35.37
C LEU D 50 3.12 0.77 -36.46
N THR D 51 4.37 0.70 -36.91
CA THR D 51 4.79 -0.27 -37.91
C THR D 51 6.00 -1.02 -37.37
N LEU D 52 5.92 -2.34 -37.32
CA LEU D 52 7.05 -3.21 -37.02
C LEU D 52 7.20 -4.17 -38.20
N ARG D 53 8.21 -3.92 -39.03
CA ARG D 53 8.43 -4.74 -40.20
C ARG D 53 9.05 -6.08 -39.82
N SER D 54 8.98 -7.03 -40.75
CA SER D 54 9.44 -8.39 -40.50
C SER D 54 10.94 -8.56 -40.60
N GLU D 55 11.68 -7.52 -41.02
CA GLU D 55 13.12 -7.65 -41.17
C GLU D 55 13.82 -7.66 -39.82
N GLY D 56 13.34 -6.86 -38.87
CA GLY D 56 13.93 -6.84 -37.54
C GLY D 56 13.57 -8.02 -36.68
N PHE D 57 12.46 -8.68 -36.97
CA PHE D 57 12.13 -9.95 -36.32
C PHE D 57 13.10 -11.03 -36.78
N ASP D 58 13.36 -12.00 -35.90
CA ASP D 58 14.29 -13.07 -36.24
C ASP D 58 13.64 -14.06 -37.20
N THR D 59 12.58 -14.74 -36.76
CA THR D 59 11.80 -15.62 -37.63
C THR D 59 10.36 -15.13 -37.61
N TYR D 60 9.91 -14.55 -38.71
CA TYR D 60 8.54 -14.06 -38.85
C TYR D 60 7.78 -14.97 -39.80
N ARG D 61 6.69 -15.53 -39.31
CA ARG D 61 5.79 -16.35 -40.13
C ARG D 61 4.38 -15.83 -39.95
N CYS D 62 3.66 -15.70 -41.05
CA CYS D 62 2.26 -15.28 -41.01
C CYS D 62 1.56 -15.81 -42.25
N ASP D 63 0.32 -16.25 -42.08
CA ASP D 63 -0.42 -16.88 -43.16
C ASP D 63 -1.52 -16.00 -43.75
N ARG D 64 -2.25 -15.28 -42.91
CA ARG D 64 -3.36 -14.45 -43.38
C ARG D 64 -3.33 -13.10 -42.65
N ASN D 65 -3.93 -12.11 -43.29
CA ASN D 65 -3.98 -10.74 -42.74
C ASN D 65 -5.03 -10.71 -41.63
N LEU D 66 -4.62 -11.09 -40.44
CA LEU D 66 -5.51 -11.10 -39.28
C LEU D 66 -5.30 -9.85 -38.45
N ALA D 67 -6.39 -9.34 -37.88
CA ALA D 67 -6.35 -8.19 -36.99
C ALA D 67 -6.77 -8.64 -35.61
N MET D 68 -5.92 -8.39 -34.62
CA MET D 68 -6.18 -8.78 -33.24
C MET D 68 -6.50 -7.54 -32.42
N GLY D 69 -7.72 -7.47 -31.91
CA GLY D 69 -8.07 -6.42 -30.97
C GLY D 69 -7.69 -6.82 -29.56
N VAL D 70 -6.62 -6.26 -29.03
CA VAL D 70 -6.12 -6.62 -27.71
C VAL D 70 -6.32 -5.44 -26.77
N ASN D 71 -6.20 -5.71 -25.48
CA ASN D 71 -6.19 -4.68 -24.45
C ASN D 71 -4.74 -4.31 -24.19
N LEU D 72 -4.38 -3.07 -24.49
CA LEU D 72 -2.99 -2.65 -24.40
C LEU D 72 -2.51 -2.48 -22.98
N THR D 73 -3.42 -2.27 -22.02
CA THR D 73 -3.04 -2.23 -20.62
C THR D 73 -2.67 -3.63 -20.11
N SER D 74 -3.49 -4.62 -20.47
CA SER D 74 -3.20 -6.01 -20.08
C SER D 74 -2.02 -6.55 -20.85
N MET D 75 -1.87 -6.15 -22.12
CA MET D 75 -0.71 -6.58 -22.90
C MET D 75 0.56 -5.90 -22.39
N SER D 76 0.46 -4.66 -21.91
CA SER D 76 1.62 -4.01 -21.31
C SER D 76 1.97 -4.61 -19.96
N LYS D 77 0.98 -5.06 -19.19
CA LYS D 77 1.27 -5.78 -17.96
C LYS D 77 1.88 -7.15 -18.23
N ILE D 78 1.55 -7.77 -19.36
CA ILE D 78 2.20 -9.02 -19.75
C ILE D 78 3.62 -8.76 -20.31
N LEU D 79 3.82 -7.67 -21.06
CA LEU D 79 5.17 -7.28 -21.48
C LEU D 79 6.05 -6.79 -20.34
N LYS D 80 5.47 -6.38 -19.21
CA LYS D 80 6.27 -6.11 -18.03
C LYS D 80 6.84 -7.38 -17.39
N CYS D 81 6.27 -8.54 -17.70
CA CYS D 81 6.81 -9.80 -17.20
C CYS D 81 8.11 -10.20 -17.87
N ALA D 82 8.35 -9.74 -19.10
CA ALA D 82 9.58 -10.05 -19.79
C ALA D 82 10.73 -9.22 -19.23
N GLY D 83 11.94 -9.74 -19.40
CA GLY D 83 13.12 -9.01 -19.02
C GLY D 83 13.52 -8.00 -20.08
N ASN D 84 14.57 -7.25 -19.78
CA ASN D 84 15.09 -6.27 -20.72
C ASN D 84 15.96 -6.89 -21.81
N GLU D 85 16.28 -8.18 -21.70
CA GLU D 85 17.03 -8.89 -22.73
C GLU D 85 16.33 -10.19 -23.12
N ASP D 86 15.04 -10.32 -22.83
CA ASP D 86 14.31 -11.54 -23.08
C ASP D 86 13.91 -11.65 -24.55
N ILE D 87 14.09 -12.83 -25.12
CA ILE D 87 13.68 -13.10 -26.48
C ILE D 87 12.19 -13.40 -26.48
N ILE D 88 11.41 -12.61 -27.21
CA ILE D 88 9.96 -12.66 -27.17
C ILE D 88 9.46 -13.26 -28.47
N THR D 89 8.78 -14.40 -28.36
CA THR D 89 8.19 -15.09 -29.51
C THR D 89 6.68 -14.95 -29.43
N LEU D 90 6.11 -14.19 -30.35
CA LEU D 90 4.66 -14.12 -30.45
C LEU D 90 4.14 -15.41 -31.08
N ARG D 91 2.92 -15.78 -30.71
CA ARG D 91 2.29 -16.97 -31.25
C ARG D 91 0.79 -16.78 -31.21
N ALA D 92 0.14 -16.94 -32.36
CA ALA D 92 -1.31 -16.86 -32.44
C ALA D 92 -1.83 -18.11 -33.15
N GLU D 93 -2.82 -18.75 -32.56
CA GLU D 93 -3.40 -19.93 -33.17
C GLU D 93 -4.31 -19.54 -34.33
N ASP D 94 -4.59 -20.52 -35.19
CA ASP D 94 -5.41 -20.26 -36.37
C ASP D 94 -6.88 -20.07 -36.01
N ASN D 95 -7.40 -20.88 -35.09
CA ASN D 95 -8.79 -20.78 -34.68
C ASN D 95 -8.98 -20.14 -33.30
N ALA D 96 -8.06 -20.39 -32.37
CA ALA D 96 -8.19 -19.83 -31.03
C ALA D 96 -7.80 -18.35 -31.03
N ASP D 97 -8.60 -17.55 -30.34
CA ASP D 97 -8.38 -16.10 -30.23
C ASP D 97 -7.52 -15.72 -29.03
N THR D 98 -6.41 -16.41 -28.82
CA THR D 98 -5.49 -16.12 -27.74
C THR D 98 -4.10 -15.87 -28.30
N LEU D 99 -3.43 -14.85 -27.77
CA LEU D 99 -2.09 -14.48 -28.21
C LEU D 99 -1.08 -15.04 -27.22
N ALA D 100 -0.31 -16.03 -27.66
CA ALA D 100 0.68 -16.68 -26.81
C ALA D 100 2.02 -15.97 -26.96
N LEU D 101 2.62 -15.61 -25.83
CA LEU D 101 3.88 -14.88 -25.80
C LEU D 101 4.89 -15.73 -25.03
N VAL D 102 6.02 -16.01 -25.66
CA VAL D 102 7.04 -16.86 -25.07
C VAL D 102 8.25 -15.97 -24.80
N PHE D 103 8.45 -15.57 -23.55
CA PHE D 103 9.60 -14.75 -23.17
C PHE D 103 10.73 -15.71 -22.84
N GLU D 104 11.47 -16.11 -23.86
CA GLU D 104 12.61 -17.00 -23.66
C GLU D 104 13.76 -16.22 -23.03
N ALA D 105 14.52 -16.91 -22.18
CA ALA D 105 15.65 -16.30 -21.50
C ALA D 105 16.81 -16.06 -22.48
N PRO D 106 17.70 -15.11 -22.17
CA PRO D 106 18.94 -14.99 -22.96
C PRO D 106 19.84 -16.21 -22.87
N ASN D 107 19.87 -16.91 -21.74
CA ASN D 107 20.56 -18.19 -21.64
C ASN D 107 19.64 -19.37 -21.88
N GLN D 108 18.37 -19.09 -22.25
CA GLN D 108 17.31 -20.07 -22.57
C GLN D 108 17.03 -21.03 -21.41
N GLU D 109 17.10 -20.50 -20.19
CA GLU D 109 16.74 -21.23 -18.98
C GLU D 109 15.28 -20.95 -18.60
N LYS D 110 14.95 -19.71 -18.30
CA LYS D 110 13.63 -19.34 -17.79
C LYS D 110 12.72 -19.13 -19.00
N VAL D 111 12.00 -20.17 -19.37
CA VAL D 111 11.02 -20.10 -20.45
C VAL D 111 9.71 -19.59 -19.87
N SER D 112 9.15 -18.55 -20.46
CA SER D 112 8.02 -17.83 -19.88
C SER D 112 6.88 -17.76 -20.90
N ASP D 113 6.03 -18.78 -20.92
CA ASP D 113 4.92 -18.82 -21.86
C ASP D 113 3.74 -18.05 -21.27
N TYR D 114 3.22 -17.08 -22.02
CA TYR D 114 2.16 -16.19 -21.54
C TYR D 114 1.02 -16.17 -22.54
N GLU D 115 -0.10 -16.79 -22.19
CA GLU D 115 -1.28 -16.73 -23.02
C GLU D 115 -2.15 -15.56 -22.61
N MET D 116 -2.62 -14.80 -23.60
CA MET D 116 -3.37 -13.57 -23.38
C MET D 116 -4.77 -13.70 -23.96
N LYS D 117 -5.77 -13.33 -23.19
CA LYS D 117 -7.12 -13.23 -23.72
C LYS D 117 -7.25 -12.00 -24.61
N LEU D 118 -8.21 -12.04 -25.52
CA LEU D 118 -8.40 -11.00 -26.52
C LEU D 118 -9.86 -10.57 -26.53
N MET D 119 -10.09 -9.33 -26.95
CA MET D 119 -11.42 -8.85 -27.24
C MET D 119 -11.62 -8.80 -28.76
N ASP D 120 -12.73 -8.23 -29.21
CA ASP D 120 -13.08 -8.19 -30.62
C ASP D 120 -13.40 -6.78 -31.06
N LEU D 121 -12.68 -5.79 -30.54
CA LEU D 121 -12.93 -4.40 -30.91
C LEU D 121 -12.24 -4.09 -32.23
N ASP D 122 -13.02 -3.66 -33.21
CA ASP D 122 -12.50 -3.26 -34.52
C ASP D 122 -12.90 -1.83 -34.81
N VAL D 123 -11.99 -1.09 -35.43
CA VAL D 123 -12.17 0.32 -35.73
C VAL D 123 -11.82 0.50 -37.21
N GLU D 124 -12.32 1.57 -37.80
CA GLU D 124 -11.99 1.90 -39.19
C GLU D 124 -10.53 2.30 -39.33
N GLN D 125 -9.95 1.95 -40.47
CA GLN D 125 -8.54 2.17 -40.73
C GLN D 125 -8.32 3.52 -41.40
N LEU D 126 -7.33 4.27 -40.91
CA LEU D 126 -6.92 5.54 -41.51
C LEU D 126 -5.43 5.45 -41.79
N GLY D 127 -5.04 5.68 -43.04
CA GLY D 127 -3.66 5.60 -43.45
C GLY D 127 -2.97 6.96 -43.44
N ILE D 128 -1.78 6.99 -44.02
CA ILE D 128 -1.00 8.21 -44.14
C ILE D 128 -1.62 9.08 -45.23
N PRO D 129 -2.08 10.30 -44.93
CA PRO D 129 -2.75 11.15 -45.93
C PRO D 129 -1.80 12.06 -46.71
N GLU D 130 -0.69 11.48 -47.21
CA GLU D 130 0.23 12.05 -48.20
C GLU D 130 0.88 13.36 -47.70
N GLN D 131 1.70 13.22 -46.67
CA GLN D 131 2.38 14.38 -46.11
C GLN D 131 3.50 14.85 -47.02
N GLU D 132 3.63 16.17 -47.16
CA GLU D 132 4.66 16.76 -47.99
C GLU D 132 6.03 16.82 -47.31
N TYR D 133 6.07 16.66 -45.98
CA TYR D 133 7.26 16.71 -45.12
C TYR D 133 8.01 18.04 -45.27
N SER D 134 7.35 19.12 -44.83
CA SER D 134 7.90 20.46 -45.01
C SER D 134 9.06 20.71 -44.06
N CYS D 135 8.81 20.67 -42.77
CA CYS D 135 9.84 20.90 -41.76
C CYS D 135 10.13 19.56 -41.08
N VAL D 136 11.28 18.97 -41.40
CA VAL D 136 11.69 17.70 -40.82
C VAL D 136 12.79 18.00 -39.81
N VAL D 137 12.47 17.85 -38.53
CA VAL D 137 13.40 18.17 -37.46
C VAL D 137 13.88 16.89 -36.80
N LYS D 138 15.00 16.35 -37.26
CA LYS D 138 15.60 15.18 -36.62
C LYS D 138 16.45 15.68 -35.45
N MET D 139 15.92 15.52 -34.25
CA MET D 139 16.47 16.06 -33.02
C MET D 139 16.42 14.97 -31.97
N PRO D 140 17.29 15.02 -30.94
CA PRO D 140 17.35 13.91 -29.97
C PRO D 140 16.10 13.74 -29.12
N SER D 141 15.77 12.47 -28.85
CA SER D 141 14.51 12.14 -28.21
C SER D 141 14.50 12.44 -26.73
N GLY D 142 15.67 12.33 -26.08
CA GLY D 142 15.78 12.76 -24.70
C GLY D 142 15.58 14.25 -24.54
N GLU D 143 16.04 15.02 -25.53
CA GLU D 143 15.80 16.46 -25.53
C GLU D 143 14.34 16.81 -25.81
N PHE D 144 13.64 16.02 -26.64
CA PHE D 144 12.23 16.29 -26.87
C PHE D 144 11.38 15.91 -25.68
N ALA D 145 11.74 14.81 -25.01
CA ALA D 145 11.09 14.43 -23.77
C ALA D 145 11.33 15.46 -22.68
N ARG D 146 12.55 16.01 -22.62
CA ARG D 146 12.87 17.09 -21.70
C ARG D 146 12.08 18.35 -22.03
N ILE D 147 11.93 18.68 -23.32
CA ILE D 147 11.24 19.90 -23.74
C ILE D 147 9.75 19.82 -23.43
N CYS D 148 9.12 18.66 -23.71
CA CYS D 148 7.70 18.49 -23.41
C CYS D 148 7.46 18.40 -21.90
N ARG D 149 8.38 17.79 -21.15
CA ARG D 149 8.25 17.74 -19.70
C ARG D 149 8.51 19.11 -19.06
N ASP D 150 9.31 19.96 -19.72
CA ASP D 150 9.48 21.33 -19.24
C ASP D 150 8.23 22.15 -19.48
N LEU D 151 7.70 22.09 -20.69
CA LEU D 151 6.61 23.00 -21.04
C LEU D 151 5.23 22.45 -20.67
N SER D 152 5.16 21.23 -20.15
CA SER D 152 3.92 20.78 -19.52
C SER D 152 3.71 21.40 -18.15
N HIS D 153 4.78 21.90 -17.52
CA HIS D 153 4.69 22.54 -16.22
C HIS D 153 4.26 23.99 -16.29
N ILE D 154 4.17 24.56 -17.49
CA ILE D 154 3.74 25.94 -17.69
C ILE D 154 2.31 26.01 -18.18
N GLY D 155 2.00 25.35 -19.29
CA GLY D 155 0.66 25.40 -19.83
C GLY D 155 0.43 24.26 -20.80
N ASP D 156 -0.78 24.23 -21.36
CA ASP D 156 -1.20 23.20 -22.29
C ASP D 156 -1.06 23.64 -23.74
N ALA D 157 -0.18 24.60 -24.02
CA ALA D 157 -0.01 25.12 -25.37
C ALA D 157 1.48 25.30 -25.64
N VAL D 158 2.03 24.51 -26.55
CA VAL D 158 3.38 24.71 -27.06
C VAL D 158 3.28 25.31 -28.46
N VAL D 159 4.09 26.33 -28.71
CA VAL D 159 4.15 26.98 -30.01
C VAL D 159 5.50 26.63 -30.62
N ILE D 160 5.48 25.88 -31.71
CA ILE D 160 6.69 25.42 -32.36
C ILE D 160 6.85 26.18 -33.67
N SER D 161 7.99 26.84 -33.83
CA SER D 161 8.28 27.64 -35.01
C SER D 161 9.54 27.10 -35.69
N CYS D 162 9.45 26.83 -36.98
CA CYS D 162 10.58 26.35 -37.75
C CYS D 162 11.33 27.52 -38.37
N ALA D 163 12.65 27.43 -38.36
CA ALA D 163 13.49 28.47 -38.94
C ALA D 163 14.78 27.85 -39.43
N LYS D 164 15.61 28.67 -40.07
CA LYS D 164 16.88 28.18 -40.60
C LYS D 164 17.90 27.95 -39.49
N ASP D 165 17.98 28.88 -38.53
CA ASP D 165 18.98 28.79 -37.48
C ASP D 165 18.60 27.80 -36.38
N GLY D 166 17.33 27.42 -36.29
CA GLY D 166 16.92 26.49 -35.26
C GLY D 166 15.41 26.42 -35.17
N VAL D 167 14.94 25.88 -34.06
CA VAL D 167 13.51 25.67 -33.82
C VAL D 167 13.18 26.18 -32.42
N LYS D 168 12.03 26.84 -32.29
CA LYS D 168 11.58 27.36 -31.01
C LYS D 168 10.50 26.46 -30.43
N PHE D 169 10.35 26.51 -29.10
CA PHE D 169 9.29 25.82 -28.37
C PHE D 169 8.74 26.82 -27.36
N SER D 170 7.74 27.59 -27.78
CA SER D 170 7.20 28.67 -26.95
C SER D 170 5.96 28.15 -26.21
N ALA D 171 5.95 28.36 -24.89
CA ALA D 171 4.80 27.97 -24.08
C ALA D 171 4.47 29.10 -23.12
N SER D 172 3.18 29.33 -22.91
CA SER D 172 2.72 30.38 -22.02
C SER D 172 1.51 29.88 -21.24
N GLY D 173 1.32 30.44 -20.04
CA GLY D 173 0.20 30.02 -19.23
C GLY D 173 0.11 30.73 -17.90
N GLU D 174 -0.15 29.96 -16.84
CA GLU D 174 -0.32 30.52 -15.51
C GLU D 174 1.01 30.99 -14.92
N LEU D 175 2.07 30.24 -15.17
CA LEU D 175 3.37 30.57 -14.59
C LEU D 175 4.01 31.76 -15.29
N GLY D 176 3.94 31.80 -16.61
CA GLY D 176 4.51 32.89 -17.37
C GLY D 176 4.91 32.39 -18.76
N ASN D 177 5.81 33.15 -19.38
CA ASN D 177 6.28 32.80 -20.71
C ASN D 177 7.43 31.81 -20.58
N GLY D 178 7.41 30.79 -21.43
CA GLY D 178 8.53 29.87 -21.51
C GLY D 178 8.89 29.54 -22.95
N ASN D 179 10.10 29.90 -23.35
CA ASN D 179 10.60 29.62 -24.69
C ASN D 179 11.77 28.64 -24.58
N ILE D 180 11.86 27.70 -25.51
CA ILE D 180 13.03 26.83 -25.64
C ILE D 180 13.48 26.89 -27.08
N LYS D 181 14.70 27.35 -27.31
CA LYS D 181 15.25 27.51 -28.65
C LYS D 181 16.41 26.53 -28.84
N LEU D 182 16.41 25.85 -29.98
CA LEU D 182 17.49 24.95 -30.37
C LEU D 182 18.28 25.56 -31.52
N SER D 183 19.34 24.86 -31.92
CA SER D 183 20.20 25.30 -32.99
C SER D 183 20.67 24.08 -33.77
N GLN D 184 21.64 24.28 -34.66
CA GLN D 184 22.22 23.19 -35.43
C GLN D 184 23.35 22.53 -34.66
N THR D 185 24.14 21.69 -35.33
CA THR D 185 25.30 21.05 -34.75
C THR D 185 26.45 21.16 -35.74
N SER D 186 27.63 21.56 -35.25
CA SER D 186 28.77 21.80 -36.12
C SER D 186 29.37 20.49 -36.62
N ASN D 187 29.83 19.64 -35.71
CA ASN D 187 30.40 18.35 -36.10
C ASN D 187 29.29 17.37 -36.47
N VAL D 188 29.60 16.49 -37.42
CA VAL D 188 28.63 15.53 -37.94
C VAL D 188 28.56 14.38 -36.95
N ASP D 189 27.53 14.40 -36.09
CA ASP D 189 27.25 13.32 -35.17
C ASP D 189 25.93 12.66 -35.57
N LYS D 190 25.86 11.33 -35.41
CA LYS D 190 24.81 10.56 -36.07
C LYS D 190 23.49 10.64 -35.31
N GLU D 191 23.47 10.14 -34.08
CA GLU D 191 22.23 9.99 -33.32
C GLU D 191 22.03 11.07 -32.27
N GLU D 192 22.98 11.20 -31.34
CA GLU D 192 22.81 12.08 -30.20
C GLU D 192 23.38 13.45 -30.48
N GLU D 193 22.79 14.46 -29.79
CA GLU D 193 23.21 15.86 -29.77
C GLU D 193 23.22 16.51 -31.15
N ALA D 194 22.25 16.12 -31.98
CA ALA D 194 22.18 16.59 -33.37
C ALA D 194 20.75 16.99 -33.69
N VAL D 195 20.51 18.29 -33.79
CA VAL D 195 19.21 18.83 -34.21
C VAL D 195 19.38 19.28 -35.65
N THR D 196 18.91 18.46 -36.60
CA THR D 196 19.00 18.77 -38.02
C THR D 196 17.60 19.12 -38.53
N ILE D 197 17.48 20.28 -39.15
CA ILE D 197 16.19 20.83 -39.56
C ILE D 197 16.26 21.19 -41.04
N GLU D 198 15.25 20.75 -41.80
CA GLU D 198 15.06 21.19 -43.17
C GLU D 198 13.90 22.18 -43.24
N MET D 199 13.88 22.96 -44.31
CA MET D 199 13.10 24.19 -44.31
C MET D 199 12.52 24.43 -45.69
N ASN D 200 11.19 24.38 -45.81
CA ASN D 200 10.52 24.75 -47.05
C ASN D 200 9.60 25.95 -46.88
N GLU D 201 8.68 25.92 -45.92
CA GLU D 201 7.80 27.04 -45.67
C GLU D 201 7.69 27.29 -44.16
N PRO D 202 7.49 28.54 -43.75
CA PRO D 202 7.35 28.83 -42.30
C PRO D 202 6.06 28.27 -41.72
N VAL D 203 6.15 27.89 -40.45
CA VAL D 203 5.06 27.21 -39.75
C VAL D 203 5.12 27.59 -38.28
N GLN D 204 3.93 27.73 -37.66
CA GLN D 204 3.80 28.18 -36.28
C GLN D 204 2.47 27.63 -35.76
N LEU D 205 2.53 26.54 -35.00
CA LEU D 205 1.34 25.78 -34.64
C LEU D 205 1.25 25.60 -33.13
N THR D 206 0.04 25.40 -32.64
CA THR D 206 -0.24 25.25 -31.22
C THR D 206 -0.67 23.81 -30.94
N PHE D 207 0.06 23.13 -30.05
CA PHE D 207 -0.21 21.75 -29.71
C PHE D 207 -0.47 21.61 -28.21
N ALA D 208 -1.18 20.55 -27.85
CA ALA D 208 -1.45 20.25 -26.45
C ALA D 208 -0.28 19.50 -25.85
N LEU D 209 0.02 19.80 -24.58
CA LEU D 209 1.13 19.15 -23.91
C LEU D 209 0.76 17.82 -23.26
N ARG D 210 -0.53 17.55 -23.09
CA ARG D 210 -0.94 16.26 -22.53
C ARG D 210 -0.69 15.13 -23.53
N TYR D 211 -1.09 15.35 -24.78
CA TYR D 211 -0.86 14.35 -25.80
C TYR D 211 0.60 14.30 -26.23
N LEU D 212 1.32 15.41 -26.16
CA LEU D 212 2.75 15.37 -26.41
C LEU D 212 3.51 14.70 -25.27
N ASN D 213 3.04 14.85 -24.04
CA ASN D 213 3.62 14.12 -22.91
C ASN D 213 3.32 12.63 -22.99
N PHE D 214 2.17 12.26 -23.56
CA PHE D 214 1.93 10.86 -23.90
C PHE D 214 2.83 10.40 -25.04
N PHE D 215 3.16 11.30 -25.97
CA PHE D 215 3.99 10.95 -27.12
C PHE D 215 5.44 10.74 -26.74
N THR D 216 5.91 11.43 -25.71
CA THR D 216 7.31 11.36 -25.31
C THR D 216 7.66 10.13 -24.48
N LYS D 217 6.74 9.18 -24.32
CA LYS D 217 7.02 7.93 -23.62
C LYS D 217 7.67 6.90 -24.53
N ALA D 218 7.84 7.21 -25.81
CA ALA D 218 8.62 6.39 -26.73
C ALA D 218 10.08 6.83 -26.80
N THR D 219 10.53 7.62 -25.82
CA THR D 219 11.94 8.02 -25.73
C THR D 219 12.95 6.86 -25.62
N PRO D 220 12.76 5.76 -24.84
CA PRO D 220 13.78 4.69 -24.91
C PRO D 220 13.74 3.83 -26.17
N LEU D 221 12.77 4.03 -27.06
CA LEU D 221 12.72 3.26 -28.31
C LEU D 221 13.82 3.69 -29.26
N SER D 222 13.78 4.94 -29.69
CA SER D 222 14.76 5.51 -30.60
C SER D 222 15.33 6.77 -29.98
N SER D 223 16.59 7.06 -30.30
CA SER D 223 17.24 8.23 -29.74
C SER D 223 16.88 9.52 -30.46
N THR D 224 16.26 9.45 -31.63
CA THR D 224 15.96 10.62 -32.45
C THR D 224 14.47 10.75 -32.68
N VAL D 225 13.92 11.92 -32.36
CA VAL D 225 12.56 12.27 -32.73
C VAL D 225 12.61 12.95 -34.09
N THR D 226 11.86 12.42 -35.06
CA THR D 226 11.74 13.05 -36.37
C THR D 226 10.40 13.79 -36.39
N LEU D 227 10.42 15.05 -35.96
CA LEU D 227 9.24 15.90 -36.05
C LEU D 227 8.95 16.25 -37.50
N SER D 228 7.67 16.30 -37.85
CA SER D 228 7.28 16.65 -39.21
C SER D 228 5.91 17.31 -39.17
N MET D 229 5.82 18.52 -39.72
CA MET D 229 4.58 19.29 -39.69
C MET D 229 4.60 20.31 -40.83
N SER D 230 3.40 20.77 -41.18
CA SER D 230 3.22 21.79 -42.21
C SER D 230 2.08 22.70 -41.76
N ALA D 231 1.67 23.62 -42.63
CA ALA D 231 0.49 24.42 -42.37
C ALA D 231 -0.76 23.56 -42.54
N ASP D 232 -1.65 23.61 -41.55
CA ASP D 232 -2.87 22.80 -41.32
C ASP D 232 -2.70 21.30 -41.54
N VAL D 233 -1.51 20.79 -41.25
CA VAL D 233 -1.18 19.37 -41.37
C VAL D 233 -0.78 18.91 -39.97
N PRO D 234 -1.30 17.78 -39.48
CA PRO D 234 -0.97 17.35 -38.11
C PRO D 234 0.49 16.96 -37.92
N LEU D 235 0.96 17.16 -36.69
CA LEU D 235 2.37 16.98 -36.36
C LEU D 235 2.72 15.50 -36.29
N VAL D 236 3.77 15.12 -37.01
CA VAL D 236 4.19 13.73 -37.10
C VAL D 236 5.41 13.57 -36.21
N VAL D 237 5.21 13.01 -35.03
CA VAL D 237 6.31 12.70 -34.12
C VAL D 237 6.72 11.27 -34.42
N GLU D 238 7.84 11.10 -35.12
CA GLU D 238 8.26 9.81 -35.61
C GLU D 238 9.40 9.26 -34.76
N TYR D 239 9.37 7.95 -34.55
CA TYR D 239 10.23 7.24 -33.62
C TYR D 239 10.87 6.04 -34.29
N LYS D 240 11.56 6.30 -35.42
CA LYS D 240 12.18 5.28 -36.27
C LYS D 240 13.17 4.38 -35.54
N ILE D 241 12.76 3.15 -35.34
CA ILE D 241 13.56 2.14 -34.67
C ILE D 241 14.58 1.64 -35.68
N ALA D 242 15.79 1.29 -35.22
CA ALA D 242 16.89 0.98 -36.13
C ALA D 242 16.69 -0.34 -36.87
N ASP D 243 16.25 -1.39 -36.17
CA ASP D 243 16.20 -2.71 -36.80
C ASP D 243 14.94 -2.94 -37.64
N MET D 244 13.78 -2.43 -37.22
CA MET D 244 12.60 -2.54 -38.10
C MET D 244 11.72 -1.32 -37.88
N GLY D 245 10.90 -1.02 -38.89
CA GLY D 245 9.74 -0.14 -38.80
C GLY D 245 9.89 1.26 -38.26
N HIS D 246 8.78 1.83 -37.78
CA HIS D 246 8.75 3.13 -37.14
C HIS D 246 7.50 3.24 -36.28
N LEU D 247 7.53 4.16 -35.33
CA LEU D 247 6.37 4.51 -34.52
C LEU D 247 6.02 5.96 -34.80
N LYS D 248 4.93 6.18 -35.51
CA LYS D 248 4.51 7.52 -35.90
C LYS D 248 3.39 7.99 -35.00
N TYR D 249 3.55 9.17 -34.42
CA TYR D 249 2.55 9.78 -33.55
C TYR D 249 1.99 11.01 -34.28
N TYR D 250 0.68 11.04 -34.47
CA TYR D 250 0.03 12.12 -35.19
C TYR D 250 -0.72 12.99 -34.19
N LEU D 251 -0.63 14.31 -34.37
CA LEU D 251 -1.30 15.23 -33.45
C LEU D 251 -1.81 16.43 -34.22
N ALA D 252 -3.11 16.65 -34.21
CA ALA D 252 -3.70 17.80 -34.85
C ALA D 252 -3.38 19.07 -34.06
N PRO D 253 -3.12 20.19 -34.72
CA PRO D 253 -2.89 21.45 -34.01
C PRO D 253 -4.15 22.00 -33.38
N LYS D 254 -3.96 22.87 -32.41
CA LYS D 254 -5.08 23.47 -31.67
C LYS D 254 -5.41 24.86 -32.21
#